data_1PEQ
#
_entry.id   1PEQ
#
_cell.length_a   99.144
_cell.length_b   99.144
_cell.length_c   289.544
_cell.angle_alpha   90.00
_cell.angle_beta   90.00
_cell.angle_gamma   90.00
#
_symmetry.space_group_name_H-M   'P 43 21 2'
#
loop_
_entity.id
_entity.type
_entity.pdbx_description
1 polymer 'Ribonucleoside-diphosphate reductase 2 alpha chain'
2 non-polymer 'MAGNESIUM ION'
3 non-polymer "THYMIDINE-5'-TRIPHOSPHATE"
4 water water
#
_entity_poly.entity_id   1
_entity_poly.type   'polypeptide(L)'
_entity_poly.pdbx_seq_one_letter_code
;MATTTPERVMQETMDYHALNAMLNLYDKAGHIQFDKDQQAIDAFFATHVRPHSVTFASQHERLGTLVREGYYDDAVLARY
DRAFVLRLFEHAHASGFRFQTFLGAWKFYTSYTLKTFDGKRYLEHFEDRVTMVALTLAQGDETLATQLTDEMLSGRFQPA
TPTFLNCGKQQRGELVSCFLLRIEDNMESIGRAVNSALQLSKRGGGVAFLLSNLREAGAPIKRIENQSSGVIPVMKMLED
AFSYANQLGARQGAGAVYLHAHHPDILRFLDTKRENADEKIRIKTLSLGVVIPDITFRLAKENAQMALFSPYDIQRRYGK
PFGDIAISERYDELIADPHVRKTYINARDFFQTLAEIQFESGYPYIMFEDTVNRANPIAGRINMSNLCSEILQVNSASRY
DDNLDYTHIGHDISCNLGSLNIAHVMDSPDIGRTVETAIRGLTAVSDMSHIRSVPSIAAGNAASHAIGLGQMNLHGYLAR
EGIAYGSPEALDFTNLYFYTITWHAVHTSMRLARERGKTFAGFAQSRYASGDYFTQYLQDDWQPKTAKVRALFARSGITL
PTREMWLKLRDDVMRYGIYNQNLQAVPPTGSISYINHATSSIHPIVAKIEIRKEGKTGRVYYPAPFMTNENLDMYQDAYD
IGPEKIIDTYAEATRHVDQGLSLTLFFPDTATTRDINKAQIYAWRKGIKSLYYIRLRQLALEGTEIEGCVSCAL
;
_entity_poly.pdbx_strand_id   A
#
# COMPACT_ATOMS: atom_id res chain seq x y z
N ARG A 8 -16.27 -34.39 -18.22
CA ARG A 8 -17.29 -35.13 -19.02
C ARG A 8 -17.75 -36.42 -18.33
N VAL A 9 -18.88 -36.95 -18.83
CA VAL A 9 -19.44 -38.21 -18.37
C VAL A 9 -18.45 -39.22 -17.80
N MET A 10 -18.50 -39.39 -16.49
CA MET A 10 -17.65 -40.36 -15.79
C MET A 10 -16.15 -40.17 -16.00
N GLN A 11 -15.55 -39.37 -15.12
CA GLN A 11 -14.13 -39.06 -15.18
C GLN A 11 -13.51 -39.26 -13.79
N GLU A 12 -12.27 -39.75 -13.75
CA GLU A 12 -11.55 -39.98 -12.49
C GLU A 12 -10.70 -38.78 -12.06
N THR A 13 -9.72 -39.04 -11.18
CA THR A 13 -8.81 -38.03 -10.61
C THR A 13 -9.45 -36.69 -10.29
N MET A 14 -9.95 -36.57 -9.08
CA MET A 14 -10.61 -35.33 -8.68
C MET A 14 -10.02 -34.75 -7.40
N ASP A 15 -8.77 -35.11 -7.07
CA ASP A 15 -8.11 -34.53 -5.90
C ASP A 15 -7.33 -33.28 -6.30
N TYR A 16 -7.95 -32.13 -6.10
CA TYR A 16 -7.37 -30.85 -6.51
C TYR A 16 -6.03 -30.47 -5.86
N HIS A 17 -5.85 -30.82 -4.59
CA HIS A 17 -4.64 -30.54 -3.88
C HIS A 17 -3.50 -31.39 -4.49
N ALA A 18 -3.76 -32.68 -4.65
CA ALA A 18 -2.76 -33.52 -5.26
C ALA A 18 -2.38 -32.88 -6.60
N LEU A 19 -3.35 -32.46 -7.38
CA LEU A 19 -3.02 -31.90 -8.67
C LEU A 19 -2.18 -30.64 -8.50
N ASN A 20 -2.50 -29.80 -7.52
CA ASN A 20 -1.78 -28.55 -7.29
C ASN A 20 -0.30 -28.88 -6.96
N ALA A 21 -0.18 -29.90 -6.13
CA ALA A 21 1.06 -30.33 -5.64
C ALA A 21 1.95 -30.77 -6.80
N MET A 22 1.37 -31.11 -7.95
CA MET A 22 2.24 -31.54 -9.08
C MET A 22 3.06 -30.36 -9.52
N LEU A 23 2.63 -29.16 -9.19
CA LEU A 23 3.47 -28.06 -9.58
C LEU A 23 4.80 -28.11 -8.90
N ASN A 24 4.92 -28.84 -7.80
CA ASN A 24 6.19 -28.88 -7.10
C ASN A 24 7.13 -29.99 -7.53
N LEU A 25 6.95 -30.47 -8.77
CA LEU A 25 7.73 -31.53 -9.37
C LEU A 25 8.49 -31.07 -10.63
N TYR A 26 9.72 -31.55 -10.77
CA TYR A 26 10.57 -31.19 -11.89
C TYR A 26 10.83 -32.49 -12.60
N ASP A 27 10.87 -32.44 -13.93
CA ASP A 27 11.15 -33.64 -14.69
C ASP A 27 12.64 -33.66 -14.99
N LYS A 28 13.16 -34.80 -15.41
CA LYS A 28 14.59 -34.92 -15.73
C LYS A 28 15.11 -33.75 -16.57
N ALA A 29 14.24 -32.97 -17.19
CA ALA A 29 14.78 -31.84 -17.93
C ALA A 29 14.55 -30.51 -17.21
N GLY A 30 14.11 -30.62 -15.96
CA GLY A 30 13.83 -29.44 -15.15
C GLY A 30 12.60 -28.63 -15.53
N HIS A 31 11.57 -29.34 -15.97
CA HIS A 31 10.36 -28.72 -16.43
C HIS A 31 9.24 -29.11 -15.48
N ILE A 32 8.21 -28.26 -15.48
CA ILE A 32 7.04 -28.43 -14.65
C ILE A 32 5.80 -28.66 -15.53
N GLN A 33 4.90 -29.49 -15.04
CA GLN A 33 3.62 -29.73 -15.70
C GLN A 33 2.61 -28.66 -15.27
N PHE A 34 2.70 -27.47 -15.79
CA PHE A 34 1.76 -26.42 -15.46
C PHE A 34 0.27 -26.77 -15.70
N ASP A 35 0.02 -27.70 -16.59
CA ASP A 35 -1.33 -28.11 -16.91
C ASP A 35 -1.99 -28.67 -15.66
N LYS A 36 -1.21 -29.31 -14.80
CA LYS A 36 -1.86 -29.95 -13.69
C LYS A 36 -2.65 -28.94 -12.82
N ASP A 37 -2.21 -27.71 -12.79
CA ASP A 37 -2.87 -26.73 -11.94
C ASP A 37 -4.28 -26.50 -12.45
N GLN A 38 -4.36 -26.32 -13.75
CA GLN A 38 -5.63 -26.12 -14.43
C GLN A 38 -6.46 -27.33 -14.08
N GLN A 39 -5.92 -28.53 -14.15
CA GLN A 39 -6.78 -29.64 -13.80
C GLN A 39 -7.18 -29.54 -12.34
N ALA A 40 -6.38 -28.86 -11.54
CA ALA A 40 -6.74 -28.67 -10.16
C ALA A 40 -7.96 -27.73 -10.11
N ILE A 41 -7.94 -26.70 -10.92
CA ILE A 41 -9.03 -25.79 -10.88
C ILE A 41 -10.37 -26.53 -11.17
N ASP A 42 -10.38 -27.20 -12.32
CA ASP A 42 -11.53 -27.94 -12.80
C ASP A 42 -12.02 -28.90 -11.73
N ALA A 43 -11.12 -29.61 -11.10
CA ALA A 43 -11.57 -30.55 -10.12
C ALA A 43 -12.12 -29.83 -8.91
N PHE A 44 -11.64 -28.63 -8.64
CA PHE A 44 -12.09 -27.89 -7.47
C PHE A 44 -13.58 -27.45 -7.65
N PHE A 45 -13.83 -26.96 -8.84
CA PHE A 45 -15.11 -26.47 -9.18
C PHE A 45 -16.12 -27.63 -9.13
N ALA A 46 -15.74 -28.78 -9.66
CA ALA A 46 -16.61 -29.94 -9.79
C ALA A 46 -16.86 -30.65 -8.49
N THR A 47 -15.84 -30.83 -7.69
CA THR A 47 -16.01 -31.56 -6.45
C THR A 47 -16.40 -30.68 -5.27
N HIS A 48 -16.05 -29.40 -5.32
CA HIS A 48 -16.25 -28.50 -4.18
C HIS A 48 -17.16 -27.26 -4.49
N VAL A 49 -16.75 -26.40 -5.41
CA VAL A 49 -17.46 -25.17 -5.57
C VAL A 49 -18.90 -25.41 -5.96
N ARG A 50 -19.13 -26.00 -7.13
CA ARG A 50 -20.47 -26.24 -7.58
C ARG A 50 -21.33 -26.98 -6.53
N PRO A 51 -20.90 -28.12 -6.00
CA PRO A 51 -21.70 -28.81 -5.02
C PRO A 51 -22.11 -28.02 -3.78
N HIS A 52 -21.42 -26.94 -3.39
CA HIS A 52 -21.74 -26.28 -2.14
C HIS A 52 -22.21 -24.85 -2.39
N SER A 53 -22.42 -24.51 -3.67
CA SER A 53 -22.94 -23.19 -3.99
C SER A 53 -24.48 -23.21 -4.08
N VAL A 54 -25.09 -22.11 -3.67
CA VAL A 54 -26.52 -21.99 -3.70
C VAL A 54 -27.03 -21.36 -5.00
N THR A 55 -27.85 -22.08 -5.77
CA THR A 55 -28.43 -21.52 -6.97
C THR A 55 -29.92 -21.18 -6.78
N PHE A 56 -30.28 -19.98 -7.22
CA PHE A 56 -31.64 -19.54 -7.08
C PHE A 56 -32.37 -19.65 -8.42
N ALA A 57 -33.69 -19.61 -8.39
CA ALA A 57 -34.52 -19.60 -9.60
C ALA A 57 -34.29 -18.36 -10.49
N SER A 58 -33.85 -17.27 -9.87
CA SER A 58 -33.47 -16.05 -10.60
C SER A 58 -32.67 -15.04 -9.75
N GLN A 59 -32.15 -14.04 -10.43
CA GLN A 59 -31.38 -13.06 -9.73
C GLN A 59 -32.28 -12.38 -8.78
N HIS A 60 -33.46 -12.06 -9.28
CA HIS A 60 -34.45 -11.33 -8.51
C HIS A 60 -34.77 -12.05 -7.21
N GLU A 61 -35.04 -13.33 -7.27
CA GLU A 61 -35.37 -13.95 -6.00
C GLU A 61 -34.19 -14.04 -5.08
N ARG A 62 -32.98 -14.02 -5.66
CA ARG A 62 -31.75 -14.12 -4.86
C ARG A 62 -31.55 -12.81 -4.10
N LEU A 63 -31.56 -11.71 -4.79
CA LEU A 63 -31.38 -10.50 -4.05
C LEU A 63 -32.43 -10.54 -2.92
N GLY A 64 -33.67 -10.84 -3.28
CA GLY A 64 -34.72 -10.85 -2.29
C GLY A 64 -34.25 -11.62 -1.09
N THR A 65 -33.86 -12.86 -1.32
CA THR A 65 -33.52 -13.69 -0.20
C THR A 65 -32.29 -13.17 0.51
N LEU A 66 -31.30 -12.75 -0.24
CA LEU A 66 -30.08 -12.37 0.41
C LEU A 66 -30.35 -11.16 1.30
N VAL A 67 -31.22 -10.27 0.88
CA VAL A 67 -31.51 -9.15 1.75
C VAL A 67 -32.40 -9.61 2.93
N ARG A 68 -33.27 -10.55 2.67
CA ARG A 68 -34.18 -10.95 3.71
C ARG A 68 -33.50 -11.64 4.85
N GLU A 69 -32.58 -12.57 4.58
CA GLU A 69 -31.92 -13.32 5.64
C GLU A 69 -30.70 -12.56 6.26
N GLY A 70 -30.50 -11.29 5.90
CA GLY A 70 -29.44 -10.49 6.49
C GLY A 70 -28.01 -10.65 5.95
N TYR A 71 -27.87 -11.00 4.67
CA TYR A 71 -26.59 -11.13 4.00
C TYR A 71 -26.25 -9.87 3.17
N TYR A 72 -27.18 -9.40 2.33
CA TYR A 72 -26.88 -8.25 1.49
C TYR A 72 -27.55 -7.05 2.07
N ASP A 73 -26.94 -5.90 1.92
CA ASP A 73 -27.45 -4.68 2.45
C ASP A 73 -28.37 -4.08 1.44
N ASP A 74 -29.64 -4.02 1.78
CA ASP A 74 -30.60 -3.40 0.87
C ASP A 74 -30.29 -1.96 0.62
N ALA A 75 -29.55 -1.30 1.51
CA ALA A 75 -29.30 0.14 1.22
C ALA A 75 -28.49 0.35 -0.05
N VAL A 76 -27.70 -0.65 -0.42
CA VAL A 76 -26.79 -0.48 -1.54
C VAL A 76 -27.57 -0.63 -2.78
N LEU A 77 -28.38 -1.67 -2.80
CA LEU A 77 -29.24 -1.96 -3.93
C LEU A 77 -30.23 -0.82 -4.11
N ALA A 78 -30.67 -0.21 -3.02
CA ALA A 78 -31.69 0.84 -3.17
C ALA A 78 -31.22 2.06 -3.94
N ARG A 79 -29.99 2.13 -4.36
CA ARG A 79 -29.59 3.36 -5.04
C ARG A 79 -29.71 3.22 -6.56
N TYR A 80 -30.34 2.14 -7.00
CA TYR A 80 -30.47 1.89 -8.37
C TYR A 80 -31.86 1.31 -8.72
N ASP A 81 -32.29 1.46 -9.97
CA ASP A 81 -33.48 0.78 -10.40
C ASP A 81 -33.16 -0.72 -10.39
N ARG A 82 -33.88 -1.49 -9.60
CA ARG A 82 -33.69 -2.93 -9.51
C ARG A 82 -33.32 -3.57 -10.85
N ALA A 83 -33.86 -3.06 -11.95
CA ALA A 83 -33.66 -3.63 -13.30
C ALA A 83 -32.22 -3.48 -13.74
N PHE A 84 -31.70 -2.29 -13.52
CA PHE A 84 -30.28 -2.05 -13.79
C PHE A 84 -29.50 -3.04 -12.97
N VAL A 85 -29.93 -3.22 -11.73
CA VAL A 85 -29.27 -4.19 -10.89
C VAL A 85 -29.29 -5.57 -11.51
N LEU A 86 -30.43 -6.08 -11.89
CA LEU A 86 -30.44 -7.41 -12.50
C LEU A 86 -29.60 -7.46 -13.81
N ARG A 87 -29.62 -6.39 -14.56
CA ARG A 87 -28.87 -6.40 -15.79
C ARG A 87 -27.34 -6.50 -15.59
N LEU A 88 -26.84 -5.77 -14.60
CA LEU A 88 -25.43 -5.80 -14.24
C LEU A 88 -25.02 -7.20 -13.75
N PHE A 89 -25.76 -7.83 -12.87
CA PHE A 89 -25.31 -9.12 -12.50
C PHE A 89 -25.24 -9.99 -13.69
N GLU A 90 -26.09 -9.75 -14.68
CA GLU A 90 -26.15 -10.62 -15.87
C GLU A 90 -24.95 -10.34 -16.78
N HIS A 91 -24.63 -9.09 -16.91
CA HIS A 91 -23.49 -8.69 -17.68
C HIS A 91 -22.26 -9.29 -17.01
N ALA A 92 -22.30 -9.37 -15.67
CA ALA A 92 -21.15 -9.85 -14.98
C ALA A 92 -20.95 -11.29 -15.34
N HIS A 93 -21.93 -12.11 -15.06
CA HIS A 93 -21.76 -13.53 -15.33
C HIS A 93 -21.59 -13.86 -16.81
N ALA A 94 -21.64 -12.86 -17.69
CA ALA A 94 -21.55 -13.14 -19.11
C ALA A 94 -20.15 -12.84 -19.60
N SER A 95 -19.39 -12.12 -18.79
CA SER A 95 -18.02 -11.68 -19.10
C SER A 95 -17.03 -12.76 -19.49
N GLY A 96 -17.25 -13.98 -19.09
CA GLY A 96 -16.29 -15.02 -19.43
C GLY A 96 -15.12 -15.24 -18.41
N PHE A 97 -15.21 -14.57 -17.25
CA PHE A 97 -14.28 -14.70 -16.17
C PHE A 97 -13.89 -16.16 -15.80
N ARG A 98 -12.58 -16.37 -15.67
CA ARG A 98 -12.05 -17.64 -15.22
C ARG A 98 -10.86 -17.46 -14.24
N PHE A 99 -10.79 -18.29 -13.21
CA PHE A 99 -9.65 -18.21 -12.35
C PHE A 99 -8.54 -18.84 -13.15
N GLN A 100 -7.38 -18.21 -13.08
CA GLN A 100 -6.18 -18.71 -13.77
C GLN A 100 -5.38 -19.68 -12.95
N THR A 101 -5.60 -19.78 -11.65
CA THR A 101 -4.80 -20.70 -10.84
C THR A 101 -5.56 -21.39 -9.74
N PHE A 102 -5.15 -22.58 -9.36
CA PHE A 102 -5.83 -23.21 -8.27
C PHE A 102 -5.80 -22.42 -6.97
N LEU A 103 -4.84 -21.57 -6.75
CA LEU A 103 -4.77 -20.86 -5.48
C LEU A 103 -5.70 -19.68 -5.51
N GLY A 104 -5.70 -18.93 -6.58
CA GLY A 104 -6.67 -17.84 -6.71
C GLY A 104 -8.10 -18.31 -6.44
N ALA A 105 -8.49 -19.38 -7.10
CA ALA A 105 -9.82 -19.88 -6.89
C ALA A 105 -9.98 -20.22 -5.42
N TRP A 106 -9.18 -21.11 -4.87
CA TRP A 106 -9.33 -21.51 -3.49
C TRP A 106 -9.23 -20.37 -2.51
N LYS A 107 -8.37 -19.44 -2.86
CA LYS A 107 -8.18 -18.33 -1.97
C LYS A 107 -9.47 -17.55 -1.92
N PHE A 108 -10.09 -17.33 -3.09
CA PHE A 108 -11.35 -16.55 -3.15
C PHE A 108 -12.51 -17.25 -2.47
N TYR A 109 -12.68 -18.53 -2.71
CA TYR A 109 -13.72 -19.27 -2.02
C TYR A 109 -13.49 -19.48 -0.52
N THR A 110 -12.26 -19.69 -0.06
CA THR A 110 -12.08 -19.93 1.39
C THR A 110 -11.99 -18.68 2.25
N SER A 111 -11.68 -17.53 1.69
CA SER A 111 -11.49 -16.34 2.50
C SER A 111 -12.25 -15.11 2.02
N TYR A 112 -12.61 -15.00 0.73
CA TYR A 112 -13.28 -13.77 0.25
C TYR A 112 -14.84 -13.80 -0.04
N THR A 113 -15.37 -14.94 -0.44
CA THR A 113 -16.74 -14.98 -0.88
C THR A 113 -17.75 -15.14 0.26
N LEU A 114 -18.95 -14.65 0.02
CA LEU A 114 -19.99 -14.72 1.00
C LEU A 114 -20.47 -16.13 1.23
N LYS A 115 -20.54 -16.57 2.48
CA LYS A 115 -21.03 -17.92 2.84
C LYS A 115 -22.26 -17.77 3.71
N THR A 116 -23.10 -18.79 3.75
CA THR A 116 -24.23 -18.78 4.63
C THR A 116 -23.68 -18.69 6.05
N PHE A 117 -24.44 -18.09 6.97
CA PHE A 117 -23.95 -17.91 8.33
C PHE A 117 -23.46 -19.19 9.00
N ASP A 118 -23.98 -20.36 8.65
CA ASP A 118 -23.52 -21.59 9.28
C ASP A 118 -22.20 -22.06 8.68
N GLY A 119 -21.73 -21.33 7.68
CA GLY A 119 -20.53 -21.70 6.97
C GLY A 119 -20.63 -22.88 6.00
N LYS A 120 -21.77 -23.51 5.83
CA LYS A 120 -21.82 -24.66 4.93
C LYS A 120 -21.91 -24.42 3.43
N ARG A 121 -22.30 -23.21 2.97
CA ARG A 121 -22.53 -23.02 1.53
C ARG A 121 -22.08 -21.69 1.03
N TYR A 122 -21.75 -21.60 -0.24
CA TYR A 122 -21.34 -20.31 -0.77
C TYR A 122 -22.55 -19.59 -1.33
N LEU A 123 -22.58 -18.28 -1.27
CA LEU A 123 -23.67 -17.54 -1.79
C LEU A 123 -23.24 -16.60 -2.89
N GLU A 124 -21.93 -16.58 -3.17
CA GLU A 124 -21.38 -15.69 -4.17
C GLU A 124 -20.27 -16.39 -4.95
N HIS A 125 -20.08 -15.90 -6.17
CA HIS A 125 -19.05 -16.32 -7.03
C HIS A 125 -18.33 -15.02 -7.33
N PHE A 126 -17.20 -15.13 -7.99
CA PHE A 126 -16.42 -13.96 -8.27
C PHE A 126 -17.14 -12.76 -8.84
N GLU A 127 -17.95 -13.02 -9.85
CA GLU A 127 -18.74 -11.94 -10.49
C GLU A 127 -19.81 -11.33 -9.57
N ASP A 128 -20.35 -12.11 -8.64
CA ASP A 128 -21.32 -11.56 -7.67
C ASP A 128 -20.59 -10.56 -6.76
N ARG A 129 -19.39 -10.97 -6.26
CA ARG A 129 -18.61 -10.07 -5.40
C ARG A 129 -18.18 -8.85 -6.16
N VAL A 130 -17.80 -9.02 -7.39
CA VAL A 130 -17.35 -7.84 -8.11
C VAL A 130 -18.53 -6.91 -8.29
N THR A 131 -19.67 -7.51 -8.66
CA THR A 131 -20.87 -6.73 -8.91
C THR A 131 -21.24 -5.90 -7.69
N MET A 132 -21.36 -6.58 -6.54
CA MET A 132 -21.67 -5.84 -5.32
C MET A 132 -20.67 -4.69 -5.06
N VAL A 133 -19.35 -4.94 -5.30
CA VAL A 133 -18.36 -3.90 -5.09
C VAL A 133 -18.68 -2.77 -6.03
N ALA A 134 -18.96 -3.07 -7.28
CA ALA A 134 -19.25 -1.97 -8.26
C ALA A 134 -20.49 -1.20 -7.85
N LEU A 135 -21.50 -1.89 -7.39
CA LEU A 135 -22.68 -1.14 -6.98
C LEU A 135 -22.36 -0.29 -5.80
N THR A 136 -21.60 -0.84 -4.85
CA THR A 136 -21.29 -0.09 -3.65
C THR A 136 -20.53 1.15 -3.97
N LEU A 137 -19.46 1.04 -4.71
CA LEU A 137 -18.63 2.18 -4.96
C LEU A 137 -19.27 3.18 -5.90
N ALA A 138 -20.05 2.68 -6.85
CA ALA A 138 -20.62 3.56 -7.88
C ALA A 138 -21.65 4.49 -7.28
N GLN A 139 -22.23 4.07 -6.18
CA GLN A 139 -23.18 4.91 -5.45
C GLN A 139 -24.35 5.42 -6.32
N GLY A 140 -24.95 4.54 -7.09
CA GLY A 140 -26.05 4.95 -7.92
C GLY A 140 -25.68 5.36 -9.31
N ASP A 141 -24.42 5.62 -9.55
CA ASP A 141 -24.00 6.01 -10.88
C ASP A 141 -23.83 4.76 -11.71
N GLU A 142 -24.87 4.49 -12.51
CA GLU A 142 -24.96 3.29 -13.36
C GLU A 142 -23.79 3.16 -14.34
N THR A 143 -23.46 4.23 -15.01
CA THR A 143 -22.38 4.09 -15.98
C THR A 143 -21.06 3.75 -15.24
N LEU A 144 -20.83 4.38 -14.09
CA LEU A 144 -19.64 4.11 -13.31
C LEU A 144 -19.71 2.69 -12.74
N ALA A 145 -20.88 2.17 -12.40
CA ALA A 145 -20.92 0.82 -11.85
C ALA A 145 -20.56 -0.25 -12.86
N THR A 146 -20.87 0.01 -14.13
CA THR A 146 -20.62 -0.94 -15.20
C THR A 146 -19.14 -0.96 -15.45
N GLN A 147 -18.56 0.23 -15.58
CA GLN A 147 -17.12 0.30 -15.78
C GLN A 147 -16.35 -0.46 -14.61
N LEU A 148 -16.64 -0.11 -13.35
CA LEU A 148 -15.99 -0.78 -12.30
C LEU A 148 -16.16 -2.25 -12.55
N THR A 149 -17.32 -2.66 -12.96
CA THR A 149 -17.49 -4.09 -13.12
C THR A 149 -16.56 -4.61 -14.15
N ASP A 150 -16.41 -3.83 -15.20
CA ASP A 150 -15.63 -4.31 -16.30
C ASP A 150 -14.18 -4.34 -15.97
N GLU A 151 -13.73 -3.29 -15.27
CA GLU A 151 -12.34 -3.13 -14.90
C GLU A 151 -11.96 -4.30 -13.97
N MET A 152 -12.86 -4.67 -13.08
CA MET A 152 -12.53 -5.74 -12.14
C MET A 152 -12.51 -7.06 -12.83
N LEU A 153 -13.49 -7.31 -13.70
CA LEU A 153 -13.56 -8.63 -14.36
C LEU A 153 -12.45 -8.88 -15.37
N SER A 154 -11.95 -7.82 -15.98
CA SER A 154 -10.92 -7.95 -16.95
C SER A 154 -9.60 -8.13 -16.28
N GLY A 155 -9.51 -7.77 -14.99
CA GLY A 155 -8.29 -7.95 -14.22
C GLY A 155 -7.49 -6.66 -14.12
N ARG A 156 -7.98 -5.63 -14.77
CA ARG A 156 -7.28 -4.37 -14.79
C ARG A 156 -7.23 -3.67 -13.45
N PHE A 157 -8.28 -3.80 -12.65
CA PHE A 157 -8.30 -3.14 -11.33
C PHE A 157 -8.66 -4.14 -10.23
N GLN A 158 -8.05 -3.97 -9.05
CA GLN A 158 -8.29 -4.85 -7.92
C GLN A 158 -8.25 -4.08 -6.64
N PRO A 159 -9.41 -3.79 -6.07
CA PRO A 159 -9.46 -2.98 -4.87
C PRO A 159 -8.86 -3.71 -3.73
N ALA A 160 -8.40 -2.97 -2.74
CA ALA A 160 -7.83 -3.51 -1.55
C ALA A 160 -8.70 -4.54 -0.94
N THR A 161 -8.08 -5.46 -0.22
CA THR A 161 -8.80 -6.56 0.39
C THR A 161 -9.94 -6.06 1.21
N PRO A 162 -9.73 -5.15 2.11
CA PRO A 162 -10.85 -4.76 2.97
C PRO A 162 -12.07 -4.25 2.16
N THR A 163 -11.92 -3.51 1.08
CA THR A 163 -13.04 -3.10 0.26
C THR A 163 -13.67 -4.27 -0.50
N PHE A 164 -12.85 -5.02 -1.21
CA PHE A 164 -13.31 -6.11 -2.00
C PHE A 164 -14.12 -7.07 -1.21
N LEU A 165 -13.89 -7.13 0.08
CA LEU A 165 -14.48 -8.18 0.90
C LEU A 165 -15.76 -7.75 1.51
N ASN A 166 -15.86 -6.49 1.84
CA ASN A 166 -17.02 -6.05 2.58
C ASN A 166 -18.13 -5.33 1.82
N CYS A 167 -17.80 -4.72 0.71
CA CYS A 167 -18.76 -3.99 -0.03
C CYS A 167 -20.02 -4.77 -0.21
N GLY A 168 -21.10 -4.08 0.09
CA GLY A 168 -22.40 -4.67 -0.09
C GLY A 168 -22.86 -5.59 0.98
N LYS A 169 -22.00 -6.00 1.88
CA LYS A 169 -22.49 -6.95 2.86
C LYS A 169 -23.22 -6.24 3.94
N GLN A 170 -24.19 -6.95 4.51
CA GLN A 170 -25.06 -6.41 5.57
C GLN A 170 -24.20 -6.33 6.83
N GLN A 171 -23.66 -7.49 7.23
CA GLN A 171 -22.70 -7.61 8.33
C GLN A 171 -21.33 -7.25 7.78
N ARG A 172 -21.04 -5.94 7.66
CA ARG A 172 -19.80 -5.55 6.96
C ARG A 172 -18.69 -4.89 7.77
N GLY A 173 -17.46 -5.29 7.47
CA GLY A 173 -16.30 -4.65 8.08
C GLY A 173 -16.12 -3.28 7.47
N GLU A 174 -14.99 -2.67 7.77
CA GLU A 174 -14.60 -1.36 7.25
C GLU A 174 -14.00 -1.56 5.88
N LEU A 175 -14.06 -0.53 5.06
CA LEU A 175 -13.60 -0.57 3.70
C LEU A 175 -12.14 -0.13 3.58
N VAL A 176 -11.65 0.37 4.69
CA VAL A 176 -10.33 0.90 4.75
C VAL A 176 -9.70 0.21 5.91
N SER A 177 -8.49 -0.30 5.78
CA SER A 177 -7.87 -0.88 6.96
C SER A 177 -6.36 -0.55 7.04
N CYS A 178 -6.02 0.70 7.33
CA CYS A 178 -4.62 1.09 7.47
C CYS A 178 -4.67 2.55 7.85
N PHE A 179 -4.12 2.85 9.01
CA PHE A 179 -4.12 4.17 9.55
C PHE A 179 -2.80 4.67 10.13
N LEU A 180 -2.62 5.99 10.11
CA LEU A 180 -1.42 6.60 10.64
C LEU A 180 -1.81 7.66 11.57
N LEU A 181 -1.46 7.55 12.84
CA LEU A 181 -1.80 8.61 13.79
C LEU A 181 -0.59 9.23 14.40
N ARG A 182 -0.63 10.52 14.71
CA ARG A 182 0.47 11.18 15.43
C ARG A 182 0.13 11.29 16.92
N ILE A 183 1.14 11.44 17.77
CA ILE A 183 0.95 11.53 19.22
C ILE A 183 1.61 12.79 19.71
N GLU A 184 0.93 13.57 20.51
CA GLU A 184 1.58 14.79 20.98
C GLU A 184 2.17 14.62 22.34
N ASP A 185 3.05 15.55 22.73
CA ASP A 185 3.81 15.38 23.97
C ASP A 185 3.04 15.73 25.23
N ASN A 186 1.92 15.04 25.48
CA ASN A 186 1.10 15.27 26.68
C ASN A 186 0.19 14.10 26.97
N MET A 187 -0.19 13.95 28.23
CA MET A 187 -0.87 12.71 28.63
C MET A 187 -2.20 12.46 27.93
N GLU A 188 -2.91 13.52 27.58
CA GLU A 188 -4.16 13.37 26.87
C GLU A 188 -3.90 12.69 25.54
N SER A 189 -2.94 13.24 24.81
CA SER A 189 -2.67 12.68 23.52
C SER A 189 -2.21 11.18 23.61
N ILE A 190 -1.56 10.83 24.69
CA ILE A 190 -1.14 9.46 24.86
C ILE A 190 -2.33 8.58 25.16
N GLY A 191 -3.23 9.05 26.01
CA GLY A 191 -4.37 8.23 26.36
C GLY A 191 -5.22 7.99 25.14
N ARG A 192 -5.33 9.03 24.32
CA ARG A 192 -6.10 8.90 23.11
C ARG A 192 -5.41 7.86 22.27
N ALA A 193 -4.08 7.90 22.17
CA ALA A 193 -3.46 6.97 21.23
C ALA A 193 -3.78 5.55 21.63
N VAL A 194 -3.62 5.20 22.89
CA VAL A 194 -3.98 3.89 23.31
C VAL A 194 -5.44 3.66 23.00
N ASN A 195 -6.30 4.64 23.17
CA ASN A 195 -7.67 4.37 22.84
C ASN A 195 -7.84 4.07 21.38
N SER A 196 -7.25 4.88 20.53
CA SER A 196 -7.36 4.64 19.12
C SER A 196 -6.89 3.28 18.70
N ALA A 197 -5.76 2.87 19.25
CA ALA A 197 -5.24 1.57 18.92
C ALA A 197 -6.32 0.54 19.15
N LEU A 198 -6.92 0.63 20.31
CA LEU A 198 -7.95 -0.26 20.69
C LEU A 198 -9.11 -0.20 19.69
N GLN A 199 -9.69 0.95 19.43
CA GLN A 199 -10.89 0.99 18.57
C GLN A 199 -10.61 0.67 17.10
N LEU A 200 -9.37 0.81 16.68
CA LEU A 200 -9.00 0.55 15.31
C LEU A 200 -8.66 -0.94 15.17
N SER A 201 -7.82 -1.42 16.06
CA SER A 201 -7.40 -2.80 16.09
C SER A 201 -8.61 -3.74 16.11
N LYS A 202 -9.58 -3.48 16.97
CA LYS A 202 -10.77 -4.34 16.98
C LYS A 202 -11.44 -4.40 15.64
N ARG A 203 -11.36 -3.34 14.87
CA ARG A 203 -11.90 -3.35 13.53
C ARG A 203 -10.92 -3.83 12.47
N GLY A 204 -9.90 -4.60 12.87
CA GLY A 204 -8.90 -5.14 11.94
C GLY A 204 -7.89 -4.20 11.27
N GLY A 205 -7.89 -2.94 11.67
CA GLY A 205 -6.97 -1.99 11.09
C GLY A 205 -5.51 -2.13 11.44
N GLY A 206 -4.66 -1.71 10.51
CA GLY A 206 -3.23 -1.66 10.72
C GLY A 206 -2.96 -0.23 11.19
N VAL A 207 -2.36 -0.05 12.34
CA VAL A 207 -2.14 1.30 12.83
C VAL A 207 -0.70 1.58 13.12
N ALA A 208 -0.21 2.67 12.60
CA ALA A 208 1.13 3.08 12.85
C ALA A 208 1.09 4.33 13.74
N PHE A 209 2.03 4.49 14.69
CA PHE A 209 2.05 5.68 15.58
C PHE A 209 3.35 6.40 15.50
N LEU A 210 3.32 7.74 15.47
CA LEU A 210 4.52 8.56 15.51
C LEU A 210 4.94 8.77 16.97
N LEU A 211 6.22 8.57 17.30
CA LEU A 211 6.71 8.77 18.67
C LEU A 211 7.69 9.94 18.75
N SER A 212 8.07 10.49 17.62
CA SER A 212 9.10 11.48 17.63
C SER A 212 8.77 12.74 18.47
N ASN A 213 7.52 12.97 18.85
CA ASN A 213 7.24 14.20 19.58
C ASN A 213 7.33 13.98 21.05
N LEU A 214 7.34 12.71 21.46
CA LEU A 214 7.37 12.45 22.90
C LEU A 214 8.70 12.88 23.48
N ARG A 215 8.69 13.45 24.68
CA ARG A 215 9.93 13.87 25.32
C ARG A 215 10.67 12.65 25.84
N GLU A 216 11.99 12.66 25.69
CA GLU A 216 12.88 11.55 26.00
C GLU A 216 12.96 11.11 27.44
N ALA A 217 13.45 9.90 27.65
CA ALA A 217 13.63 9.39 29.01
C ALA A 217 14.60 10.27 29.79
N GLY A 218 14.09 10.92 30.83
CA GLY A 218 14.89 11.81 31.66
C GLY A 218 14.51 13.27 31.57
N ALA A 219 13.65 13.60 30.64
CA ALA A 219 13.25 14.95 30.51
C ALA A 219 12.38 15.39 31.67
N PRO A 220 12.26 16.67 31.86
CA PRO A 220 11.42 17.18 32.93
C PRO A 220 9.93 17.07 32.72
N ILE A 221 9.19 17.22 33.81
CA ILE A 221 7.75 17.25 33.83
C ILE A 221 7.38 18.24 34.92
N LYS A 222 6.63 19.27 34.55
CA LYS A 222 6.25 20.28 35.51
C LYS A 222 7.54 20.86 36.12
N ARG A 223 8.55 21.04 35.28
CA ARG A 223 9.80 21.64 35.71
C ARG A 223 10.74 20.78 36.61
N ILE A 224 10.23 19.74 37.27
CA ILE A 224 11.12 18.94 38.10
C ILE A 224 11.96 18.07 37.18
N GLU A 225 13.26 18.02 37.43
CA GLU A 225 14.21 17.27 36.61
C GLU A 225 14.03 15.76 36.62
N ASN A 226 14.65 15.13 35.62
CA ASN A 226 14.71 13.68 35.44
C ASN A 226 13.44 13.00 35.86
N GLN A 227 12.42 13.05 35.01
CA GLN A 227 11.14 12.55 35.41
C GLN A 227 10.45 11.70 34.34
N SER A 228 10.52 12.10 33.07
CA SER A 228 9.84 11.41 31.96
C SER A 228 10.34 10.00 31.76
N SER A 229 9.51 9.12 31.18
CA SER A 229 9.99 7.73 30.92
C SER A 229 10.34 7.42 29.47
N GLY A 230 10.09 8.37 28.59
CA GLY A 230 10.39 8.15 27.19
C GLY A 230 9.33 7.32 26.46
N VAL A 231 9.68 6.88 25.25
CA VAL A 231 8.78 6.14 24.40
C VAL A 231 8.52 4.69 24.80
N ILE A 232 9.53 4.02 25.28
CA ILE A 232 9.37 2.60 25.52
C ILE A 232 8.12 2.25 26.30
N PRO A 233 7.86 2.92 27.40
CA PRO A 233 6.67 2.55 28.14
C PRO A 233 5.38 2.82 27.35
N VAL A 234 5.39 3.75 26.40
CA VAL A 234 4.20 4.00 25.59
C VAL A 234 4.07 2.90 24.54
N MET A 235 5.20 2.50 23.98
CA MET A 235 5.25 1.35 23.11
C MET A 235 4.65 0.21 23.91
N LYS A 236 5.03 0.08 25.16
CA LYS A 236 4.54 -1.08 25.91
C LYS A 236 3.00 -1.06 25.94
N MET A 237 2.42 0.12 26.12
CA MET A 237 0.95 0.20 26.16
C MET A 237 0.30 -0.11 24.82
N LEU A 238 0.82 0.51 23.74
CA LEU A 238 0.29 0.28 22.40
C LEU A 238 0.47 -1.22 22.08
N GLU A 239 1.58 -1.79 22.50
CA GLU A 239 1.72 -3.23 22.24
C GLU A 239 0.60 -4.00 22.87
N ASP A 240 0.26 -3.72 24.11
CA ASP A 240 -0.75 -4.51 24.79
C ASP A 240 -2.09 -4.28 24.23
N ALA A 241 -2.33 -3.14 23.64
CA ALA A 241 -3.66 -2.86 23.11
C ALA A 241 -3.87 -3.64 21.84
N PHE A 242 -2.81 -3.78 21.08
CA PHE A 242 -2.90 -4.53 19.85
C PHE A 242 -3.04 -6.00 20.19
N SER A 243 -2.44 -6.50 21.25
CA SER A 243 -2.65 -7.92 21.53
C SER A 243 -4.11 -8.17 21.95
N TYR A 244 -4.68 -7.25 22.69
CA TYR A 244 -6.01 -7.45 23.20
C TYR A 244 -7.02 -7.49 22.09
N ALA A 245 -6.98 -6.49 21.22
CA ALA A 245 -8.00 -6.33 20.21
C ALA A 245 -7.80 -7.16 18.97
N ASN A 246 -8.12 -8.44 19.13
CA ASN A 246 -8.07 -9.40 18.06
C ASN A 246 -9.01 -10.57 18.40
N GLN A 252 -4.80 -8.94 11.03
CA GLN A 252 -5.71 -8.91 12.16
C GLN A 252 -5.01 -8.14 13.33
N GLY A 253 -5.29 -6.82 13.38
CA GLY A 253 -4.77 -5.90 14.40
C GLY A 253 -3.25 -5.92 14.58
N ALA A 254 -2.54 -5.18 13.72
CA ALA A 254 -1.07 -5.06 13.79
C ALA A 254 -0.66 -3.60 14.01
N GLY A 255 0.49 -3.40 14.66
CA GLY A 255 0.99 -2.07 14.97
C GLY A 255 2.41 -1.71 14.54
N ALA A 256 2.64 -0.42 14.44
CA ALA A 256 3.95 0.04 14.11
C ALA A 256 4.16 1.33 14.84
N VAL A 257 5.44 1.67 15.05
CA VAL A 257 5.79 2.94 15.63
C VAL A 257 6.95 3.47 14.83
N TYR A 258 6.95 4.78 14.57
CA TYR A 258 8.05 5.40 13.90
C TYR A 258 8.80 6.35 14.87
N LEU A 259 10.12 6.39 14.77
CA LEU A 259 10.90 7.29 15.60
C LEU A 259 11.97 7.93 14.77
N HIS A 260 12.17 9.25 14.96
CA HIS A 260 13.24 9.98 14.24
C HIS A 260 14.61 9.50 14.70
N ALA A 261 15.52 9.29 13.76
CA ALA A 261 16.86 8.79 14.09
C ALA A 261 17.63 9.72 15.06
N HIS A 262 17.34 11.01 15.04
CA HIS A 262 18.02 11.94 15.90
C HIS A 262 17.26 12.19 17.18
N HIS A 263 16.39 11.28 17.58
CA HIS A 263 15.67 11.42 18.85
C HIS A 263 16.51 10.71 19.95
N PRO A 264 16.56 11.32 21.12
CA PRO A 264 17.37 10.82 22.23
C PRO A 264 17.15 9.38 22.60
N ASP A 265 15.95 8.82 22.38
CA ASP A 265 15.75 7.43 22.73
C ASP A 265 15.99 6.51 21.57
N ILE A 266 16.58 7.02 20.50
CA ILE A 266 16.80 6.16 19.36
C ILE A 266 17.42 4.83 19.68
N LEU A 267 18.45 4.77 20.49
CA LEU A 267 19.07 3.46 20.74
C LEU A 267 18.27 2.66 21.71
N ARG A 268 17.60 3.27 22.65
CA ARG A 268 16.77 2.46 23.56
C ARG A 268 15.66 1.79 22.74
N PHE A 269 15.17 2.56 21.77
CA PHE A 269 14.10 2.18 20.88
C PHE A 269 14.48 0.96 20.08
N LEU A 270 15.58 1.08 19.35
CA LEU A 270 16.08 0.01 18.57
C LEU A 270 16.32 -1.17 19.50
N ASP A 271 16.63 -0.89 20.74
CA ASP A 271 17.02 -1.99 21.61
C ASP A 271 15.94 -2.91 22.04
N THR A 272 14.69 -2.52 21.85
CA THR A 272 13.54 -3.33 22.19
C THR A 272 13.50 -4.56 21.32
N LYS A 273 14.14 -4.52 20.16
CA LYS A 273 14.02 -5.66 19.25
C LYS A 273 15.27 -6.49 19.17
N ARG A 274 16.14 -6.29 20.16
CA ARG A 274 17.44 -6.96 20.21
C ARG A 274 17.34 -8.39 20.78
N ILE A 283 9.66 -5.68 24.00
CA ILE A 283 8.54 -5.44 23.08
C ILE A 283 8.62 -6.46 21.97
N LYS A 284 7.59 -7.30 21.83
CA LYS A 284 7.67 -8.36 20.84
C LYS A 284 6.84 -8.28 19.57
N THR A 285 5.64 -7.69 19.56
CA THR A 285 4.87 -7.70 18.30
C THR A 285 4.79 -6.40 17.50
N LEU A 286 5.24 -5.25 18.03
CA LEU A 286 5.16 -4.00 17.31
C LEU A 286 6.25 -3.89 16.26
N SER A 287 5.98 -3.34 15.11
CA SER A 287 6.99 -3.13 14.11
C SER A 287 7.64 -1.79 14.39
N LEU A 288 8.90 -1.66 14.04
CA LEU A 288 9.57 -0.42 14.23
C LEU A 288 9.82 0.22 12.90
N GLY A 289 9.92 1.52 12.86
CA GLY A 289 10.27 2.28 11.68
C GLY A 289 11.13 3.52 12.06
N VAL A 290 12.16 3.80 11.31
CA VAL A 290 13.01 4.89 11.64
C VAL A 290 13.00 5.92 10.55
N VAL A 291 12.98 7.19 10.93
CA VAL A 291 13.04 8.25 9.95
C VAL A 291 14.48 8.73 9.95
N ILE A 292 15.10 8.77 8.78
CA ILE A 292 16.48 9.16 8.69
C ILE A 292 16.67 10.29 7.71
N PRO A 293 17.11 11.45 8.19
CA PRO A 293 17.33 12.59 7.34
C PRO A 293 18.69 12.44 6.65
N ASP A 294 19.04 13.33 5.72
CA ASP A 294 20.30 13.22 4.98
C ASP A 294 21.53 13.44 5.85
N ILE A 295 21.43 14.33 6.80
CA ILE A 295 22.57 14.63 7.62
C ILE A 295 23.13 13.36 8.25
N THR A 296 22.27 12.45 8.65
CA THR A 296 22.75 11.25 9.31
C THR A 296 23.70 10.51 8.40
N PHE A 297 23.48 10.60 7.10
CA PHE A 297 24.32 9.83 6.19
C PHE A 297 25.63 10.54 6.04
N ARG A 298 25.58 11.86 6.07
CA ARG A 298 26.81 12.63 5.96
C ARG A 298 27.69 12.29 7.18
N LEU A 299 27.10 12.32 8.37
CA LEU A 299 27.84 12.03 9.56
C LEU A 299 28.53 10.68 9.48
N ALA A 300 27.79 9.62 9.18
CA ALA A 300 28.43 8.32 9.13
C ALA A 300 29.56 8.30 8.11
N LYS A 301 29.41 9.04 7.03
CA LYS A 301 30.44 9.02 6.03
C LYS A 301 31.76 9.52 6.64
N GLU A 302 31.70 10.65 7.32
CA GLU A 302 32.88 11.19 7.92
C GLU A 302 33.10 10.64 9.34
N ASN A 303 32.63 9.43 9.59
CA ASN A 303 32.77 8.78 10.90
C ASN A 303 32.54 9.68 12.11
N ALA A 304 31.68 10.67 11.94
CA ALA A 304 31.36 11.65 12.96
C ALA A 304 30.36 11.11 13.98
N GLN A 305 29.89 12.01 14.83
CA GLN A 305 28.98 11.70 15.87
C GLN A 305 27.62 12.24 15.46
N MET A 306 26.53 11.64 15.98
CA MET A 306 25.19 12.10 15.72
C MET A 306 24.67 12.89 16.90
N ALA A 307 24.19 14.09 16.66
CA ALA A 307 23.60 14.82 17.73
C ALA A 307 22.10 14.51 17.86
N LEU A 308 21.70 14.08 19.05
CA LEU A 308 20.32 13.85 19.36
C LEU A 308 19.84 15.03 20.17
N PHE A 309 18.73 15.63 19.76
CA PHE A 309 18.11 16.80 20.40
C PHE A 309 16.91 16.44 21.24
N SER A 310 16.60 17.20 22.28
CA SER A 310 15.44 16.86 23.09
C SER A 310 14.16 17.52 22.61
N PRO A 311 13.14 16.74 22.39
CA PRO A 311 11.87 17.31 21.93
C PRO A 311 11.34 18.29 22.94
N TYR A 312 11.57 18.04 24.21
CA TYR A 312 11.15 19.02 25.24
C TYR A 312 11.76 20.40 25.00
N ASP A 313 13.05 20.47 24.70
CA ASP A 313 13.60 21.79 24.54
C ASP A 313 13.12 22.37 23.22
N ILE A 314 13.11 21.55 22.17
CA ILE A 314 12.74 22.02 20.85
C ILE A 314 11.40 22.68 20.86
N GLN A 315 10.48 22.15 21.68
CA GLN A 315 9.13 22.72 21.76
C GLN A 315 9.19 24.09 22.42
N ARG A 316 9.85 24.16 23.57
CA ARG A 316 9.95 25.40 24.34
C ARG A 316 10.61 26.49 23.51
N ARG A 317 11.67 26.16 22.81
CA ARG A 317 12.41 27.16 22.08
C ARG A 317 11.94 27.42 20.65
N TYR A 318 11.43 26.41 19.97
CA TYR A 318 11.02 26.65 18.60
C TYR A 318 9.51 26.71 18.42
N GLY A 319 8.77 26.36 19.47
CA GLY A 319 7.32 26.42 19.46
C GLY A 319 6.56 25.42 18.62
N LYS A 320 7.26 24.41 18.06
CA LYS A 320 6.68 23.32 17.30
C LYS A 320 7.34 22.05 17.86
N PRO A 321 6.71 20.88 17.71
CA PRO A 321 7.30 19.62 18.16
C PRO A 321 8.44 19.05 17.32
N PHE A 322 9.22 18.22 17.97
CA PHE A 322 10.32 17.56 17.31
C PHE A 322 9.86 17.17 15.95
N GLY A 323 8.77 16.42 15.88
CA GLY A 323 8.39 15.92 14.58
C GLY A 323 7.81 16.92 13.60
N ASP A 324 8.01 18.20 13.83
CA ASP A 324 7.44 19.18 12.96
C ASP A 324 8.44 20.16 12.42
N ILE A 325 9.67 20.19 12.99
CA ILE A 325 10.74 21.04 12.50
C ILE A 325 11.54 20.21 11.53
N ALA A 326 12.49 20.87 10.86
CA ALA A 326 13.33 20.19 9.90
C ALA A 326 14.72 20.03 10.52
N ILE A 327 15.04 18.81 10.90
CA ILE A 327 16.32 18.53 11.53
C ILE A 327 17.49 18.85 10.60
N SER A 328 17.55 18.24 9.44
CA SER A 328 18.67 18.53 8.54
C SER A 328 18.91 20.02 8.41
N GLU A 329 17.88 20.79 8.07
CA GLU A 329 18.03 22.22 7.81
C GLU A 329 18.38 22.99 9.06
N ARG A 330 18.16 22.45 10.24
CA ARG A 330 18.46 23.19 11.45
C ARG A 330 19.50 22.43 12.26
N TYR A 331 20.10 21.41 11.68
CA TYR A 331 21.06 20.65 12.45
C TYR A 331 22.02 21.57 13.23
N ASP A 332 22.77 22.42 12.51
CA ASP A 332 23.82 23.26 13.12
C ASP A 332 23.21 24.25 14.11
N GLU A 333 22.10 24.86 13.70
CA GLU A 333 21.43 25.81 14.54
C GLU A 333 21.17 25.12 15.86
N LEU A 334 20.63 23.91 15.81
CA LEU A 334 20.28 23.19 17.02
C LEU A 334 21.51 22.88 17.83
N ILE A 335 22.59 22.50 17.18
CA ILE A 335 23.74 22.15 17.97
C ILE A 335 24.29 23.37 18.67
N ALA A 336 24.05 24.54 18.08
CA ALA A 336 24.59 25.79 18.62
C ALA A 336 23.76 26.35 19.74
N ASP A 337 22.42 26.21 19.66
CA ASP A 337 21.51 26.69 20.72
C ASP A 337 21.81 25.95 22.03
N PRO A 338 22.32 26.66 23.02
CA PRO A 338 22.62 26.05 24.33
C PRO A 338 21.35 25.79 25.12
N HIS A 339 20.22 26.24 24.60
CA HIS A 339 18.96 25.98 25.25
C HIS A 339 18.34 24.63 24.81
N VAL A 340 19.06 23.90 23.95
CA VAL A 340 18.61 22.62 23.43
C VAL A 340 19.55 21.55 23.87
N ARG A 341 19.12 20.68 24.74
CA ARG A 341 20.02 19.67 25.22
C ARG A 341 20.43 18.67 24.11
N LYS A 342 21.71 18.41 23.97
CA LYS A 342 22.20 17.48 22.95
C LYS A 342 22.78 16.25 23.54
N THR A 343 22.66 15.13 22.83
CA THR A 343 23.22 13.86 23.27
C THR A 343 23.91 13.32 22.08
N TYR A 344 24.85 12.39 22.26
CA TYR A 344 25.65 11.97 21.14
C TYR A 344 25.90 10.48 21.08
N ILE A 345 25.84 9.95 19.87
CA ILE A 345 26.12 8.54 19.59
C ILE A 345 26.90 8.51 18.30
N ASN A 346 27.41 7.33 17.97
CA ASN A 346 28.21 7.15 16.78
C ASN A 346 27.37 6.82 15.51
N ALA A 347 27.31 7.76 14.57
CA ALA A 347 26.50 7.58 13.39
C ALA A 347 26.72 6.24 12.76
N ARG A 348 27.97 5.90 12.48
CA ARG A 348 28.27 4.64 11.82
C ARG A 348 27.81 3.51 12.68
N ASP A 349 27.90 3.64 13.99
CA ASP A 349 27.44 2.52 14.81
C ASP A 349 25.92 2.39 14.78
N PHE A 350 25.25 3.50 14.50
CA PHE A 350 23.79 3.55 14.41
C PHE A 350 23.32 2.68 13.26
N PHE A 351 23.88 2.94 12.08
CA PHE A 351 23.57 2.17 10.92
C PHE A 351 23.93 0.72 11.17
N GLN A 352 24.93 0.48 11.99
CA GLN A 352 25.36 -0.89 12.27
C GLN A 352 24.30 -1.59 13.11
N THR A 353 23.77 -0.90 14.11
CA THR A 353 22.78 -1.52 14.93
C THR A 353 21.59 -1.80 14.04
N LEU A 354 21.22 -0.79 13.27
CA LEU A 354 20.10 -0.92 12.35
C LEU A 354 20.17 -2.18 11.48
N ALA A 355 21.28 -2.33 10.79
CA ALA A 355 21.44 -3.49 9.94
C ALA A 355 21.40 -4.80 10.71
N GLU A 356 21.79 -4.76 11.98
CA GLU A 356 21.86 -6.02 12.71
C GLU A 356 20.51 -6.42 13.17
N ILE A 357 19.70 -5.46 13.52
CA ILE A 357 18.35 -5.74 13.97
C ILE A 357 17.56 -6.16 12.74
N GLN A 358 17.80 -5.49 11.61
CA GLN A 358 17.10 -5.82 10.38
C GLN A 358 17.46 -7.21 9.95
N PHE A 359 18.72 -7.55 10.10
CA PHE A 359 19.21 -8.88 9.76
C PHE A 359 18.42 -9.97 10.43
N GLU A 360 17.97 -9.72 11.65
CA GLU A 360 17.24 -10.71 12.43
C GLU A 360 15.70 -10.60 12.34
N SER A 361 15.17 -9.39 12.32
CA SER A 361 13.73 -9.18 12.39
C SER A 361 13.08 -8.62 11.15
N GLY A 362 13.87 -8.19 10.19
CA GLY A 362 13.30 -7.67 8.97
C GLY A 362 13.15 -6.16 8.97
N TYR A 363 12.70 -5.59 10.07
CA TYR A 363 12.57 -4.16 10.20
C TYR A 363 13.71 -3.76 11.12
N PRO A 364 13.90 -2.51 11.48
CA PRO A 364 13.02 -1.37 11.25
C PRO A 364 12.83 -0.96 9.83
N TYR A 365 11.65 -0.49 9.48
CA TYR A 365 11.44 0.17 8.19
C TYR A 365 12.25 1.48 8.23
N ILE A 366 12.43 2.12 7.09
CA ILE A 366 13.20 3.32 7.01
C ILE A 366 12.48 4.26 6.13
N MET A 367 12.34 5.49 6.57
CA MET A 367 11.70 6.51 5.77
C MET A 367 12.68 7.65 5.65
N PHE A 368 13.05 7.97 4.41
CA PHE A 368 14.01 9.00 4.13
C PHE A 368 13.35 10.35 4.13
N GLU A 369 13.15 10.84 5.31
CA GLU A 369 12.58 12.18 5.53
C GLU A 369 12.95 13.23 4.51
N ASP A 370 14.25 13.43 4.25
CA ASP A 370 14.57 14.56 3.34
C ASP A 370 14.14 14.27 1.94
N THR A 371 14.36 13.04 1.49
CA THR A 371 13.95 12.68 0.15
C THR A 371 12.45 12.91 0.03
N VAL A 372 11.70 12.47 1.04
CA VAL A 372 10.25 12.52 1.03
C VAL A 372 9.73 13.94 0.95
N ASN A 373 10.18 14.80 1.85
CA ASN A 373 9.70 16.17 1.86
C ASN A 373 10.07 16.95 0.61
N ARG A 374 11.21 16.62 0.06
CA ARG A 374 11.72 17.33 -1.07
C ARG A 374 10.83 17.03 -2.22
N ALA A 375 10.29 15.82 -2.27
CA ALA A 375 9.42 15.43 -3.36
C ALA A 375 7.96 15.73 -3.03
N ASN A 376 7.64 16.06 -1.78
CA ASN A 376 6.27 16.29 -1.40
C ASN A 376 5.68 17.55 -1.95
N PRO A 377 4.66 17.45 -2.77
CA PRO A 377 4.00 18.65 -3.33
C PRO A 377 3.00 19.28 -2.41
N ILE A 378 2.83 18.73 -1.22
CA ILE A 378 1.83 19.27 -0.30
C ILE A 378 2.45 20.08 0.82
N ALA A 379 1.85 21.22 1.09
CA ALA A 379 2.35 22.11 2.12
C ALA A 379 2.38 21.32 3.40
N GLY A 380 3.54 21.30 4.03
CA GLY A 380 3.69 20.60 5.29
C GLY A 380 4.82 19.60 5.19
N ARG A 381 5.14 18.99 6.30
CA ARG A 381 6.20 18.02 6.34
C ARG A 381 5.62 16.64 6.54
N ILE A 382 6.38 15.62 6.15
CA ILE A 382 5.99 14.26 6.33
C ILE A 382 6.95 13.65 7.32
N ASN A 383 6.42 13.30 8.48
CA ASN A 383 7.16 12.83 9.61
C ASN A 383 6.95 11.36 9.95
N MET A 384 6.10 10.64 9.22
CA MET A 384 5.90 9.20 9.50
C MET A 384 5.38 8.40 8.35
N SER A 385 5.19 7.09 8.51
CA SER A 385 4.62 6.27 7.43
C SER A 385 3.83 5.15 8.04
N ASN A 386 3.47 4.16 7.24
CA ASN A 386 2.58 3.13 7.76
C ASN A 386 3.21 1.80 7.97
N LEU A 387 2.40 0.86 8.40
CA LEU A 387 2.87 -0.46 8.66
C LEU A 387 3.57 -1.12 7.44
N CYS A 388 3.39 -0.59 6.23
CA CYS A 388 4.05 -1.17 5.04
C CYS A 388 4.98 -0.14 4.29
N SER A 389 5.19 1.00 4.94
CA SER A 389 6.09 2.05 4.46
C SER A 389 5.84 2.67 3.11
N GLU A 390 4.65 2.49 2.56
CA GLU A 390 4.25 3.08 1.29
C GLU A 390 3.48 4.34 1.44
N ILE A 391 2.86 4.59 2.58
CA ILE A 391 2.08 5.82 2.72
C ILE A 391 2.92 6.99 3.23
N LEU A 392 2.86 8.12 2.56
CA LEU A 392 3.59 9.32 2.99
C LEU A 392 2.74 10.53 2.72
N GLN A 393 2.11 11.09 3.76
CA GLN A 393 1.23 12.26 3.67
C GLN A 393 1.47 13.15 4.87
N VAL A 394 0.92 14.36 4.86
CA VAL A 394 1.05 15.27 5.98
C VAL A 394 -0.01 15.03 6.99
N ASN A 395 0.22 15.52 8.19
CA ASN A 395 -0.69 15.36 9.28
C ASN A 395 -0.61 16.61 10.19
N SER A 396 -1.46 16.69 11.21
CA SER A 396 -1.44 17.86 12.06
C SER A 396 -1.94 17.46 13.47
N ALA A 397 -1.51 18.18 14.49
CA ALA A 397 -1.86 17.85 15.85
C ALA A 397 -3.33 18.11 16.20
N SER A 398 -3.84 17.37 17.17
CA SER A 398 -5.17 17.54 17.72
C SER A 398 -4.85 17.96 19.14
N ARG A 399 -5.73 18.72 19.75
CA ARG A 399 -5.54 19.16 21.11
C ARG A 399 -6.71 18.68 21.90
N TYR A 400 -6.54 18.47 23.19
CA TYR A 400 -7.61 17.91 23.98
C TYR A 400 -7.97 18.67 25.20
N ASP A 401 -9.15 18.37 25.67
CA ASP A 401 -9.65 18.91 26.90
C ASP A 401 -9.22 17.89 27.90
N ASP A 402 -9.28 18.19 29.19
CA ASP A 402 -8.84 17.22 30.15
C ASP A 402 -9.76 16.02 30.20
N ASN A 403 -11.00 16.15 29.77
CA ASN A 403 -11.87 15.00 29.82
C ASN A 403 -11.66 14.10 28.61
N LEU A 404 -10.71 14.48 27.76
CA LEU A 404 -10.27 13.69 26.61
C LEU A 404 -11.03 14.11 25.36
N ASP A 405 -12.02 14.97 25.55
CA ASP A 405 -12.80 15.54 24.44
C ASP A 405 -11.78 16.25 23.56
N TYR A 406 -12.04 16.26 22.25
CA TYR A 406 -11.22 17.07 21.34
C TYR A 406 -11.65 18.55 21.47
N THR A 407 -10.66 19.46 21.61
CA THR A 407 -10.92 20.90 21.50
C THR A 407 -10.49 21.38 20.13
N HIS A 408 -9.67 20.61 19.46
CA HIS A 408 -9.25 20.97 18.09
C HIS A 408 -8.97 19.67 17.41
N ILE A 409 -9.76 19.35 16.38
CA ILE A 409 -9.60 18.06 15.70
C ILE A 409 -8.55 18.18 14.59
N GLY A 410 -7.37 17.61 14.76
CA GLY A 410 -6.33 17.78 13.77
C GLY A 410 -6.58 16.85 12.64
N HIS A 411 -5.53 16.52 11.87
CA HIS A 411 -5.69 15.62 10.71
C HIS A 411 -4.75 14.46 10.73
N ASP A 412 -5.29 13.25 10.86
CA ASP A 412 -4.47 12.07 10.74
C ASP A 412 -4.73 11.35 9.38
N ILE A 413 -4.15 10.19 9.13
CA ILE A 413 -4.23 9.59 7.83
C ILE A 413 -4.78 8.17 7.81
N SER A 414 -5.80 7.99 6.99
CA SER A 414 -6.38 6.69 6.84
C SER A 414 -5.93 6.41 5.43
N CYS A 415 -5.99 5.20 4.98
CA CYS A 415 -5.37 5.02 3.69
C CYS A 415 -6.17 4.04 2.72
N ASN A 416 -6.77 4.66 1.72
CA ASN A 416 -7.66 4.01 0.79
C ASN A 416 -6.90 3.47 -0.41
N LEU A 417 -6.82 2.15 -0.55
CA LEU A 417 -5.98 1.60 -1.59
C LEU A 417 -6.65 0.72 -2.62
N GLY A 418 -5.93 0.62 -3.73
CA GLY A 418 -6.32 -0.28 -4.80
C GLY A 418 -5.25 -0.38 -5.83
N SER A 419 -5.18 -1.49 -6.54
CA SER A 419 -4.20 -1.59 -7.60
C SER A 419 -4.61 -2.16 -8.97
N LEU A 420 -4.07 -1.52 -10.00
CA LEU A 420 -4.09 -1.93 -11.42
C LEU A 420 -3.05 -3.05 -11.72
N ASN A 421 -3.36 -3.97 -12.62
CA ASN A 421 -2.42 -5.03 -13.01
C ASN A 421 -1.83 -4.59 -14.32
N ILE A 422 -0.58 -4.17 -14.26
CA ILE A 422 0.11 -3.61 -15.39
C ILE A 422 -0.10 -4.36 -16.73
N ALA A 423 -0.02 -5.66 -16.73
CA ALA A 423 -0.11 -6.35 -17.96
C ALA A 423 -1.49 -6.06 -18.57
N HIS A 424 -2.53 -6.33 -17.81
CA HIS A 424 -3.83 -6.07 -18.34
C HIS A 424 -4.00 -4.57 -18.67
N VAL A 425 -3.39 -3.66 -17.95
CA VAL A 425 -3.63 -2.30 -18.36
C VAL A 425 -3.08 -2.10 -19.77
N MET A 426 -1.84 -2.53 -20.01
CA MET A 426 -1.23 -2.36 -21.32
C MET A 426 -2.06 -3.08 -22.39
N ASP A 427 -2.74 -4.17 -22.04
CA ASP A 427 -3.55 -4.92 -22.98
C ASP A 427 -4.87 -4.21 -23.34
N SER A 428 -5.13 -3.02 -22.80
CA SER A 428 -6.33 -2.30 -23.20
C SER A 428 -6.04 -0.92 -23.71
N PRO A 429 -6.40 -0.59 -24.92
CA PRO A 429 -6.04 0.73 -25.47
C PRO A 429 -6.52 1.93 -24.61
N ASP A 430 -7.77 1.90 -24.12
CA ASP A 430 -8.30 3.05 -23.38
C ASP A 430 -7.74 3.11 -21.95
N ILE A 431 -6.44 3.38 -21.86
CA ILE A 431 -5.77 3.39 -20.59
C ILE A 431 -6.28 4.59 -19.82
N GLY A 432 -6.81 5.58 -20.48
CA GLY A 432 -7.33 6.73 -19.73
C GLY A 432 -8.60 6.40 -18.93
N ARG A 433 -9.37 5.45 -19.43
CA ARG A 433 -10.60 5.06 -18.75
C ARG A 433 -10.25 4.13 -17.62
N THR A 434 -9.24 3.33 -17.83
CA THR A 434 -8.81 2.39 -16.84
C THR A 434 -8.39 3.10 -15.59
N VAL A 435 -7.62 4.18 -15.75
CA VAL A 435 -7.13 4.88 -14.60
C VAL A 435 -8.19 5.66 -13.93
N GLU A 436 -9.01 6.34 -14.73
CA GLU A 436 -10.08 7.23 -14.24
C GLU A 436 -11.12 6.49 -13.42
N THR A 437 -11.41 5.27 -13.83
CA THR A 437 -12.31 4.44 -13.07
C THR A 437 -11.78 4.10 -11.69
N ALA A 438 -10.54 3.64 -11.67
CA ALA A 438 -9.83 3.32 -10.44
C ALA A 438 -9.80 4.52 -9.49
N ILE A 439 -9.43 5.67 -10.03
CA ILE A 439 -9.41 6.86 -9.20
C ILE A 439 -10.84 7.13 -8.67
N ARG A 440 -11.84 6.99 -9.54
CA ARG A 440 -13.20 7.24 -9.11
C ARG A 440 -13.58 6.19 -8.10
N GLY A 441 -13.05 4.98 -8.22
CA GLY A 441 -13.40 3.98 -7.24
C GLY A 441 -12.75 4.22 -5.87
N LEU A 442 -11.49 4.57 -5.88
CA LEU A 442 -10.82 4.80 -4.62
C LEU A 442 -11.46 6.03 -3.99
N THR A 443 -11.72 7.05 -4.79
CA THR A 443 -12.27 8.27 -4.25
C THR A 443 -13.60 8.02 -3.48
N ALA A 444 -14.32 7.02 -3.96
CA ALA A 444 -15.54 6.64 -3.36
C ALA A 444 -15.20 5.99 -2.01
N VAL A 445 -14.19 5.15 -2.01
CA VAL A 445 -13.90 4.56 -0.75
C VAL A 445 -13.66 5.72 0.22
N SER A 446 -13.06 6.80 -0.27
CA SER A 446 -12.76 7.86 0.67
C SER A 446 -14.01 8.58 1.04
N ASP A 447 -14.80 8.95 0.04
CA ASP A 447 -16.09 9.60 0.26
C ASP A 447 -17.01 8.83 1.16
N MET A 448 -17.05 7.52 1.12
CA MET A 448 -17.92 6.80 2.05
C MET A 448 -17.33 6.53 3.42
N SER A 449 -16.13 7.00 3.70
CA SER A 449 -15.59 6.72 5.02
C SER A 449 -15.89 7.74 6.05
N HIS A 450 -16.21 7.25 7.23
CA HIS A 450 -16.47 8.11 8.36
C HIS A 450 -15.99 7.35 9.62
N ILE A 451 -14.69 7.27 9.87
CA ILE A 451 -14.22 6.54 11.04
C ILE A 451 -14.58 7.28 12.31
N ARG A 452 -15.70 6.94 12.93
CA ARG A 452 -16.16 7.62 14.10
C ARG A 452 -15.28 7.44 15.37
N SER A 453 -14.69 6.28 15.58
CA SER A 453 -13.95 6.13 16.80
C SER A 453 -12.76 7.09 16.93
N VAL A 454 -12.31 7.70 15.86
CA VAL A 454 -11.14 8.59 15.93
C VAL A 454 -11.31 9.79 15.06
N PRO A 455 -11.86 10.86 15.62
CA PRO A 455 -12.16 12.05 14.85
C PRO A 455 -11.02 12.57 13.98
N SER A 456 -9.75 12.54 14.41
CA SER A 456 -8.70 13.04 13.54
C SER A 456 -8.58 12.25 12.27
N ILE A 457 -8.86 10.96 12.30
CA ILE A 457 -8.89 10.19 11.06
C ILE A 457 -10.12 10.68 10.20
N ALA A 458 -11.29 10.78 10.79
CA ALA A 458 -12.39 11.27 9.99
C ALA A 458 -12.13 12.69 9.44
N ALA A 459 -11.58 13.57 10.24
CA ALA A 459 -11.37 14.88 9.70
C ALA A 459 -10.41 14.82 8.52
N GLY A 460 -9.33 14.09 8.68
CA GLY A 460 -8.31 14.07 7.66
C GLY A 460 -8.75 13.51 6.33
N ASN A 461 -9.43 12.38 6.41
CA ASN A 461 -9.84 11.80 5.18
C ASN A 461 -10.80 12.76 4.51
N ALA A 462 -11.63 13.44 5.28
CA ALA A 462 -12.61 14.37 4.72
C ALA A 462 -11.96 15.62 4.16
N ALA A 463 -10.84 16.03 4.72
CA ALA A 463 -10.21 17.23 4.19
C ALA A 463 -9.33 16.99 2.93
N SER A 464 -8.72 15.82 2.83
CA SER A 464 -7.76 15.53 1.78
C SER A 464 -8.28 14.65 0.65
N HIS A 465 -9.23 13.78 0.96
CA HIS A 465 -9.71 12.86 -0.05
C HIS A 465 -8.50 12.10 -0.57
N ALA A 466 -7.52 11.90 0.27
CA ALA A 466 -6.33 11.22 -0.20
C ALA A 466 -6.58 9.76 -0.58
N ILE A 467 -6.07 9.34 -1.71
CA ILE A 467 -6.19 7.93 -2.08
C ILE A 467 -4.85 7.41 -2.52
N GLY A 468 -4.74 6.08 -2.64
CA GLY A 468 -3.52 5.43 -3.06
C GLY A 468 -3.66 4.37 -4.13
N LEU A 469 -3.58 4.80 -5.38
CA LEU A 469 -3.67 3.87 -6.49
C LEU A 469 -2.30 3.22 -6.65
N GLY A 470 -2.22 1.90 -6.83
CA GLY A 470 -0.95 1.23 -6.92
C GLY A 470 -0.76 0.34 -8.13
N GLN A 471 0.36 -0.37 -8.26
CA GLN A 471 0.53 -1.24 -9.43
C GLN A 471 0.97 -2.61 -8.99
N MET A 472 0.78 -3.59 -9.85
CA MET A 472 1.20 -4.95 -9.53
C MET A 472 1.42 -5.70 -10.82
N ASN A 473 2.13 -6.81 -10.75
CA ASN A 473 2.38 -7.69 -11.90
C ASN A 473 3.42 -7.17 -12.92
N LEU A 474 4.17 -6.15 -12.55
CA LEU A 474 5.26 -5.65 -13.41
C LEU A 474 6.19 -6.72 -13.89
N HIS A 475 6.59 -7.57 -12.97
CA HIS A 475 7.46 -8.63 -13.38
C HIS A 475 6.70 -9.54 -14.35
N GLY A 476 5.45 -9.82 -14.04
CA GLY A 476 4.64 -10.70 -14.90
C GLY A 476 4.59 -10.17 -16.34
N TYR A 477 4.39 -8.88 -16.44
CA TYR A 477 4.39 -8.26 -17.75
C TYR A 477 5.76 -8.35 -18.45
N LEU A 478 6.80 -7.81 -17.80
CA LEU A 478 8.13 -7.79 -18.42
C LEU A 478 8.50 -9.20 -18.86
N ALA A 479 8.15 -10.19 -18.09
CA ALA A 479 8.51 -11.52 -18.52
C ALA A 479 7.73 -11.90 -19.76
N ARG A 480 6.44 -11.57 -19.76
CA ARG A 480 5.61 -12.04 -20.83
C ARG A 480 6.17 -11.43 -22.09
N GLU A 481 6.55 -10.16 -22.02
CA GLU A 481 7.06 -9.50 -23.19
C GLU A 481 8.54 -9.80 -23.47
N GLY A 482 9.08 -10.85 -22.87
CA GLY A 482 10.50 -11.16 -23.07
C GLY A 482 11.59 -10.14 -22.61
N ILE A 483 11.28 -9.29 -21.64
CA ILE A 483 12.21 -8.34 -21.05
C ILE A 483 12.69 -8.76 -19.66
N ALA A 484 13.98 -8.66 -19.37
CA ALA A 484 14.50 -9.17 -18.09
C ALA A 484 14.39 -8.12 -16.99
N TYR A 485 14.01 -8.55 -15.81
CA TYR A 485 13.76 -7.62 -14.75
C TYR A 485 15.06 -6.92 -14.51
N GLY A 486 14.98 -5.61 -14.32
CA GLY A 486 16.14 -4.81 -14.01
C GLY A 486 16.87 -4.23 -15.20
N SER A 487 16.72 -4.85 -16.34
CA SER A 487 17.38 -4.42 -17.56
C SER A 487 17.05 -3.01 -18.05
N PRO A 488 17.90 -2.51 -18.91
CA PRO A 488 17.67 -1.15 -19.40
C PRO A 488 16.29 -1.07 -20.03
N GLU A 489 15.82 -2.14 -20.65
CA GLU A 489 14.48 -2.09 -21.23
C GLU A 489 13.47 -1.91 -20.09
N ALA A 490 13.54 -2.80 -19.14
CA ALA A 490 12.67 -2.74 -17.98
C ALA A 490 12.68 -1.38 -17.32
N LEU A 491 13.84 -0.85 -17.05
CA LEU A 491 13.86 0.46 -16.42
C LEU A 491 13.19 1.47 -17.34
N ASP A 492 13.45 1.39 -18.61
CA ASP A 492 12.77 2.33 -19.51
C ASP A 492 11.24 2.21 -19.40
N PHE A 493 10.74 0.99 -19.34
CA PHE A 493 9.30 0.79 -19.31
C PHE A 493 8.66 1.29 -18.01
N THR A 494 9.23 0.89 -16.89
CA THR A 494 8.64 1.29 -15.64
C THR A 494 8.69 2.79 -15.45
N ASN A 495 9.52 3.49 -16.16
CA ASN A 495 9.58 4.95 -16.00
C ASN A 495 8.47 5.62 -16.78
N LEU A 496 8.28 5.14 -18.00
CA LEU A 496 7.30 5.73 -18.91
C LEU A 496 5.87 5.27 -18.58
N TYR A 497 5.74 3.99 -18.15
CA TYR A 497 4.45 3.46 -17.68
C TYR A 497 3.94 4.27 -16.47
N PHE A 498 4.79 4.51 -15.47
CA PHE A 498 4.42 5.34 -14.30
C PHE A 498 4.22 6.79 -14.75
N TYR A 499 4.89 7.12 -15.83
CA TYR A 499 4.78 8.50 -16.39
C TYR A 499 3.37 8.68 -16.90
N THR A 500 2.89 7.68 -17.66
CA THR A 500 1.58 7.87 -18.23
C THR A 500 0.52 7.71 -17.18
N ILE A 501 0.58 6.69 -16.33
CA ILE A 501 -0.39 6.55 -15.24
C ILE A 501 -0.49 7.83 -14.47
N THR A 502 0.62 8.48 -14.23
CA THR A 502 0.52 9.69 -13.49
C THR A 502 -0.25 10.73 -14.24
N TRP A 503 -0.04 10.83 -15.54
CA TRP A 503 -0.75 11.84 -16.29
C TRP A 503 -2.26 11.67 -16.14
N HIS A 504 -2.77 10.48 -16.41
CA HIS A 504 -4.20 10.24 -16.33
C HIS A 504 -4.81 10.35 -14.90
N ALA A 505 -4.01 10.05 -13.88
CA ALA A 505 -4.57 10.16 -12.53
C ALA A 505 -4.78 11.62 -12.12
N VAL A 506 -3.79 12.44 -12.45
CA VAL A 506 -3.90 13.85 -12.09
C VAL A 506 -5.02 14.45 -12.86
N HIS A 507 -5.19 13.99 -14.10
CA HIS A 507 -6.30 14.47 -14.94
C HIS A 507 -7.71 14.14 -14.36
N THR A 508 -7.85 12.89 -13.95
CA THR A 508 -9.03 12.43 -13.30
C THR A 508 -9.36 13.20 -12.03
N SER A 509 -8.34 13.44 -11.22
CA SER A 509 -8.55 14.17 -9.99
C SER A 509 -8.99 15.60 -10.30
N MET A 510 -8.44 16.18 -11.37
CA MET A 510 -8.78 17.55 -11.79
C MET A 510 -10.25 17.53 -12.25
N ARG A 511 -10.59 16.50 -13.02
CA ARG A 511 -11.96 16.44 -13.46
C ARG A 511 -12.91 16.36 -12.27
N LEU A 512 -12.56 15.55 -11.27
CA LEU A 512 -13.40 15.40 -10.11
C LEU A 512 -13.59 16.74 -9.44
N ALA A 513 -12.52 17.47 -9.25
CA ALA A 513 -12.65 18.73 -8.57
C ALA A 513 -13.55 19.68 -9.34
N ARG A 514 -13.54 19.50 -10.63
CA ARG A 514 -14.28 20.38 -11.49
C ARG A 514 -15.74 20.01 -11.43
N GLU A 515 -16.01 18.73 -11.52
CA GLU A 515 -17.38 18.31 -11.51
C GLU A 515 -17.98 18.33 -10.12
N ARG A 516 -17.18 18.66 -9.11
CA ARG A 516 -17.68 18.69 -7.74
C ARG A 516 -17.51 20.06 -7.08
N GLY A 517 -16.86 20.96 -7.79
CA GLY A 517 -16.68 22.28 -7.26
C GLY A 517 -15.91 22.37 -5.97
N LYS A 518 -15.04 21.44 -5.67
CA LYS A 518 -14.21 21.61 -4.49
C LYS A 518 -12.89 20.93 -4.67
N THR A 519 -11.89 21.43 -3.97
CA THR A 519 -10.59 20.84 -4.05
C THR A 519 -10.16 20.32 -2.68
N PHE A 520 -9.01 19.64 -2.61
CA PHE A 520 -8.54 19.19 -1.30
C PHE A 520 -8.21 20.39 -0.43
N ALA A 521 -8.34 20.22 0.87
CA ALA A 521 -8.06 21.34 1.73
C ALA A 521 -6.61 21.72 1.55
N GLY A 522 -6.35 23.01 1.53
CA GLY A 522 -5.00 23.49 1.34
C GLY A 522 -4.43 23.24 -0.05
N PHE A 523 -5.28 23.10 -1.05
CA PHE A 523 -4.77 22.99 -2.40
C PHE A 523 -3.90 24.21 -2.73
N ALA A 524 -4.46 25.40 -2.46
CA ALA A 524 -3.79 26.67 -2.79
C ALA A 524 -2.34 26.70 -2.35
N GLN A 525 -1.99 26.00 -1.27
CA GLN A 525 -0.58 26.06 -0.90
C GLN A 525 0.23 24.97 -1.53
N SER A 526 -0.36 24.20 -2.44
CA SER A 526 0.34 23.06 -2.98
C SER A 526 1.12 23.45 -4.17
N ARG A 527 1.97 22.54 -4.58
CA ARG A 527 2.74 22.73 -5.76
C ARG A 527 1.87 22.45 -6.96
N TYR A 528 0.68 21.94 -6.71
CA TYR A 528 -0.27 21.80 -7.80
C TYR A 528 -0.75 23.19 -8.10
N ALA A 529 -1.11 23.95 -7.09
CA ALA A 529 -1.59 25.30 -7.29
C ALA A 529 -0.64 26.25 -8.03
N SER A 530 0.61 26.30 -7.59
CA SER A 530 1.58 27.24 -8.17
C SER A 530 2.02 26.79 -9.55
N GLY A 531 2.02 25.49 -9.78
CA GLY A 531 2.40 24.96 -11.07
C GLY A 531 3.73 24.25 -11.00
N ASP A 532 4.49 24.48 -9.91
CA ASP A 532 5.83 23.88 -9.76
C ASP A 532 5.75 22.36 -9.87
N TYR A 533 4.63 21.73 -9.54
CA TYR A 533 4.56 20.27 -9.67
C TYR A 533 4.86 19.75 -11.06
N PHE A 534 4.57 20.53 -12.10
CA PHE A 534 4.72 20.07 -13.49
C PHE A 534 6.10 20.31 -14.13
N THR A 535 6.85 21.24 -13.56
CA THR A 535 8.15 21.57 -14.09
C THR A 535 8.77 20.26 -14.52
N GLN A 536 8.79 19.30 -13.61
CA GLN A 536 9.47 18.08 -13.94
C GLN A 536 9.05 17.62 -15.31
N TYR A 537 7.76 17.57 -15.56
CA TYR A 537 7.27 16.99 -16.79
C TYR A 537 7.40 17.93 -18.01
N LEU A 538 7.70 19.19 -17.77
CA LEU A 538 7.82 20.10 -18.87
C LEU A 538 9.18 20.00 -19.58
N GLN A 539 10.21 19.52 -18.87
CA GLN A 539 11.57 19.33 -19.44
C GLN A 539 11.62 18.09 -20.31
N ASP A 540 12.74 17.70 -20.90
CA ASP A 540 12.53 16.45 -21.62
C ASP A 540 12.86 15.26 -20.62
N ASP A 541 13.12 14.07 -21.28
CA ASP A 541 13.52 12.60 -21.09
C ASP A 541 12.31 11.69 -20.99
N TRP A 542 11.23 12.05 -21.71
CA TRP A 542 10.03 11.20 -21.78
C TRP A 542 10.02 10.50 -23.13
N GLN A 543 11.18 10.46 -23.78
CA GLN A 543 11.27 9.76 -25.02
C GLN A 543 11.80 8.40 -24.67
N PRO A 544 11.12 7.36 -25.12
CA PRO A 544 11.55 6.01 -24.82
C PRO A 544 13.04 5.82 -25.08
N LYS A 545 13.79 5.49 -24.05
CA LYS A 545 15.22 5.28 -24.27
C LYS A 545 15.44 4.02 -25.08
N THR A 546 14.59 3.03 -24.90
CA THR A 546 14.67 1.75 -25.60
C THR A 546 13.74 1.69 -26.81
N ALA A 547 14.07 0.83 -27.77
CA ALA A 547 13.26 0.68 -28.98
C ALA A 547 12.10 -0.29 -28.72
N LYS A 548 12.33 -1.27 -27.86
CA LYS A 548 11.27 -2.17 -27.51
C LYS A 548 10.20 -1.42 -26.73
N VAL A 549 10.61 -0.57 -25.82
CA VAL A 549 9.64 0.11 -25.02
C VAL A 549 8.74 0.98 -25.89
N ARG A 550 9.29 1.54 -26.94
CA ARG A 550 8.50 2.38 -27.85
C ARG A 550 7.52 1.48 -28.57
N ALA A 551 7.98 0.27 -28.85
CA ALA A 551 7.19 -0.68 -29.58
C ALA A 551 6.00 -1.18 -28.75
N LEU A 552 6.19 -1.31 -27.44
CA LEU A 552 5.17 -1.86 -26.56
C LEU A 552 4.04 -0.85 -26.45
N PHE A 553 4.37 0.40 -26.20
CA PHE A 553 3.31 1.37 -26.10
C PHE A 553 2.52 1.48 -27.42
N ALA A 554 3.25 1.40 -28.52
CA ALA A 554 2.62 1.57 -29.84
C ALA A 554 1.74 0.41 -30.19
N ARG A 555 2.20 -0.78 -29.89
CA ARG A 555 1.45 -1.98 -30.20
C ARG A 555 0.21 -2.08 -29.31
N SER A 556 0.10 -1.16 -28.36
CA SER A 556 -1.02 -1.24 -27.43
C SER A 556 -1.95 -0.11 -27.68
N GLY A 557 -1.47 0.88 -28.42
CA GLY A 557 -2.27 2.03 -28.78
C GLY A 557 -2.24 3.11 -27.73
N ILE A 558 -1.34 2.98 -26.78
CA ILE A 558 -1.26 3.93 -25.69
C ILE A 558 -0.35 5.04 -26.12
N THR A 559 -0.85 6.25 -25.96
CA THR A 559 -0.07 7.41 -26.28
C THR A 559 0.61 7.96 -25.05
N LEU A 560 1.94 8.07 -25.10
CA LEU A 560 2.70 8.67 -24.01
C LEU A 560 2.39 10.15 -23.98
N PRO A 561 1.96 10.67 -22.85
CA PRO A 561 1.66 12.09 -22.76
C PRO A 561 2.73 12.92 -23.33
N THR A 562 2.33 13.92 -24.10
CA THR A 562 3.24 14.85 -24.76
C THR A 562 3.23 16.14 -24.00
N ARG A 563 4.29 16.94 -24.17
CA ARG A 563 4.45 18.21 -23.47
C ARG A 563 3.22 19.08 -23.56
N GLU A 564 2.49 18.97 -24.66
CA GLU A 564 1.28 19.77 -24.85
C GLU A 564 0.24 19.41 -23.82
N MET A 565 0.06 18.12 -23.69
CA MET A 565 -0.87 17.54 -22.71
C MET A 565 -0.49 17.99 -21.31
N TRP A 566 0.78 17.89 -20.95
CA TRP A 566 1.18 18.30 -19.63
C TRP A 566 0.90 19.76 -19.46
N LEU A 567 1.27 20.53 -20.46
CA LEU A 567 1.09 21.98 -20.42
C LEU A 567 -0.39 22.30 -20.31
N LYS A 568 -1.22 21.52 -20.97
CA LYS A 568 -2.64 21.76 -20.87
C LYS A 568 -3.18 21.40 -19.46
N LEU A 569 -2.72 20.25 -18.93
CA LEU A 569 -3.15 19.80 -17.61
C LEU A 569 -2.69 20.75 -16.51
N ARG A 570 -1.55 21.36 -16.75
CA ARG A 570 -1.04 22.32 -15.80
C ARG A 570 -2.02 23.45 -15.67
N ASP A 571 -2.58 23.89 -16.79
CA ASP A 571 -3.49 25.02 -16.74
C ASP A 571 -4.78 24.61 -16.10
N ASP A 572 -5.27 23.45 -16.49
CA ASP A 572 -6.47 22.93 -15.87
C ASP A 572 -6.23 22.76 -14.35
N VAL A 573 -5.11 22.18 -13.94
CA VAL A 573 -4.94 21.95 -12.52
C VAL A 573 -4.91 23.29 -11.79
N MET A 574 -4.18 24.25 -12.36
CA MET A 574 -4.01 25.55 -11.73
C MET A 574 -5.33 26.26 -11.66
N ARG A 575 -6.22 25.98 -12.59
CA ARG A 575 -7.46 26.72 -12.60
C ARG A 575 -8.57 26.01 -11.84
N TYR A 576 -8.74 24.72 -12.05
CA TYR A 576 -9.79 24.03 -11.37
C TYR A 576 -9.38 23.26 -10.13
N GLY A 577 -8.07 22.99 -9.98
CA GLY A 577 -7.54 22.20 -8.87
C GLY A 577 -7.79 20.70 -9.04
N ILE A 578 -7.38 19.89 -8.07
CA ILE A 578 -7.66 18.45 -8.10
C ILE A 578 -8.39 18.10 -6.83
N TYR A 579 -9.13 17.03 -6.85
CA TYR A 579 -9.91 16.66 -5.67
C TYR A 579 -9.05 15.94 -4.61
N ASN A 580 -8.20 15.04 -5.03
CA ASN A 580 -7.45 14.26 -4.09
C ASN A 580 -6.08 14.90 -3.78
N GLN A 581 -5.74 15.02 -2.51
CA GLN A 581 -4.43 15.52 -2.08
C GLN A 581 -3.24 14.60 -2.45
N ASN A 582 -3.52 13.32 -2.68
CA ASN A 582 -2.51 12.33 -3.06
C ASN A 582 -3.18 11.24 -3.90
N LEU A 583 -2.49 10.75 -4.92
CA LEU A 583 -3.11 9.81 -5.83
C LEU A 583 -2.45 8.43 -5.87
N GLN A 584 -1.13 8.36 -5.92
CA GLN A 584 -0.52 7.04 -5.99
C GLN A 584 0.21 6.55 -4.75
N ALA A 585 0.29 5.21 -4.63
CA ALA A 585 0.97 4.56 -3.51
C ALA A 585 1.05 3.09 -3.82
N VAL A 586 2.24 2.50 -3.76
CA VAL A 586 2.42 1.14 -4.21
C VAL A 586 2.77 0.17 -3.14
N PRO A 587 1.80 -0.41 -2.47
CA PRO A 587 2.07 -1.36 -1.40
C PRO A 587 2.36 -2.72 -1.91
N PRO A 588 2.72 -3.64 -1.05
CA PRO A 588 2.90 -5.00 -1.51
C PRO A 588 1.50 -5.55 -1.66
N THR A 589 1.26 -6.38 -2.64
CA THR A 589 -0.09 -6.95 -2.77
C THR A 589 -0.08 -8.27 -2.01
N GLY A 590 -0.88 -8.38 -0.97
CA GLY A 590 -0.89 -9.60 -0.15
C GLY A 590 -1.51 -10.71 -0.98
N SER A 591 -2.59 -11.29 -0.47
CA SER A 591 -3.21 -12.43 -1.12
C SER A 591 -4.11 -12.03 -2.29
N ILE A 592 -4.44 -10.75 -2.44
CA ILE A 592 -5.19 -10.34 -3.60
C ILE A 592 -4.38 -10.66 -4.82
N SER A 593 -3.09 -10.78 -4.65
CA SER A 593 -2.27 -11.12 -5.77
C SER A 593 -2.76 -12.42 -6.34
N TYR A 594 -2.87 -13.44 -5.52
CA TYR A 594 -3.25 -14.73 -6.06
C TYR A 594 -4.57 -14.66 -6.82
N ILE A 595 -5.48 -13.79 -6.38
CA ILE A 595 -6.77 -13.67 -7.03
C ILE A 595 -6.67 -12.99 -8.37
N ASN A 596 -6.09 -11.80 -8.37
CA ASN A 596 -5.89 -11.07 -9.59
C ASN A 596 -4.91 -11.76 -10.51
N HIS A 597 -4.16 -12.71 -9.99
CA HIS A 597 -3.12 -13.40 -10.75
C HIS A 597 -2.05 -12.47 -11.18
N ALA A 598 -1.41 -11.80 -10.24
CA ALA A 598 -0.32 -10.90 -10.56
C ALA A 598 0.88 -11.22 -9.74
N THR A 599 2.05 -10.85 -10.22
CA THR A 599 3.23 -10.98 -9.42
C THR A 599 3.19 -9.82 -8.45
N SER A 600 3.23 -10.09 -7.18
CA SER A 600 3.14 -9.09 -6.16
C SER A 600 3.66 -7.72 -6.46
N SER A 601 4.80 -7.34 -6.17
CA SER A 601 4.77 -5.88 -6.27
C SER A 601 4.90 -5.32 -7.64
N ILE A 602 5.99 -4.64 -7.71
CA ILE A 602 6.61 -4.21 -8.89
C ILE A 602 7.96 -4.81 -8.67
N HIS A 603 8.05 -5.70 -7.70
CA HIS A 603 9.32 -6.35 -7.43
C HIS A 603 9.33 -7.75 -8.01
N PRO A 604 10.50 -8.34 -8.17
CA PRO A 604 10.53 -9.66 -8.79
C PRO A 604 9.83 -10.74 -7.96
N ILE A 605 9.50 -11.85 -8.59
CA ILE A 605 8.84 -12.93 -7.88
C ILE A 605 9.72 -13.49 -6.83
N VAL A 606 9.19 -13.84 -5.67
CA VAL A 606 9.92 -14.46 -4.61
C VAL A 606 10.12 -15.91 -4.97
N ALA A 607 9.40 -16.43 -5.95
CA ALA A 607 9.67 -17.80 -6.37
C ALA A 607 8.95 -18.12 -7.64
N LYS A 608 9.40 -19.20 -8.27
CA LYS A 608 8.80 -19.59 -9.52
C LYS A 608 7.47 -20.19 -9.16
N ILE A 609 7.46 -21.15 -8.26
CA ILE A 609 6.26 -21.79 -7.77
C ILE A 609 6.28 -21.40 -6.30
N GLU A 610 5.61 -20.31 -5.98
CA GLU A 610 5.53 -19.82 -4.63
C GLU A 610 4.82 -20.87 -3.81
N ILE A 611 5.37 -21.22 -2.66
CA ILE A 611 4.71 -22.20 -1.78
C ILE A 611 4.11 -21.50 -0.60
N ARG A 612 2.84 -21.80 -0.30
CA ARG A 612 2.10 -21.25 0.83
C ARG A 612 1.61 -22.35 1.77
N LYS A 613 1.70 -22.06 3.05
CA LYS A 613 1.35 -23.01 4.09
C LYS A 613 -0.08 -22.78 4.49
N GLU A 614 -0.99 -23.32 3.69
CA GLU A 614 -2.41 -23.11 3.84
C GLU A 614 -3.16 -24.37 3.52
N GLY A 615 -4.35 -24.52 4.09
CA GLY A 615 -5.23 -25.64 3.79
C GLY A 615 -5.00 -26.96 4.50
N LYS A 616 -5.88 -27.92 4.22
CA LYS A 616 -5.80 -29.25 4.84
C LYS A 616 -4.56 -30.09 4.45
N THR A 617 -3.81 -29.70 3.40
CA THR A 617 -2.62 -30.44 3.00
C THR A 617 -1.36 -29.81 3.57
N GLY A 618 -1.47 -28.57 4.04
CA GLY A 618 -0.31 -27.91 4.56
C GLY A 618 0.22 -26.94 3.56
N ARG A 619 0.07 -27.22 2.27
CA ARG A 619 0.59 -26.25 1.33
C ARG A 619 -0.13 -26.18 0.00
N VAL A 620 -0.08 -25.00 -0.58
CA VAL A 620 -0.71 -24.77 -1.83
C VAL A 620 0.36 -24.10 -2.67
N TYR A 621 0.50 -24.46 -3.93
CA TYR A 621 1.54 -23.94 -4.75
C TYR A 621 0.94 -23.05 -5.78
N TYR A 622 1.61 -21.96 -6.15
CA TYR A 622 1.16 -20.92 -7.06
C TYR A 622 2.21 -20.57 -8.14
N PRO A 623 1.96 -20.91 -9.41
CA PRO A 623 2.88 -20.63 -10.52
C PRO A 623 2.83 -19.21 -10.99
N ALA A 624 3.89 -18.57 -11.43
CA ALA A 624 3.78 -17.17 -11.81
C ALA A 624 3.00 -16.93 -13.09
N PRO A 625 2.34 -15.82 -13.18
CA PRO A 625 1.59 -15.52 -14.37
C PRO A 625 2.43 -15.44 -15.62
N PHE A 626 1.91 -16.07 -16.68
CA PHE A 626 2.47 -16.12 -18.03
C PHE A 626 3.72 -16.97 -18.13
N MET A 627 4.03 -17.72 -17.08
CA MET A 627 5.24 -18.52 -17.06
C MET A 627 4.99 -19.89 -17.63
N THR A 628 5.89 -20.36 -18.47
CA THR A 628 5.82 -21.70 -19.07
C THR A 628 7.24 -22.23 -19.14
N ASN A 629 7.35 -23.46 -19.60
CA ASN A 629 8.62 -24.08 -19.71
C ASN A 629 9.46 -23.42 -20.79
N GLU A 630 8.88 -22.60 -21.66
CA GLU A 630 9.69 -22.01 -22.69
C GLU A 630 10.09 -20.61 -22.29
N ASN A 631 9.81 -20.20 -21.08
CA ASN A 631 10.20 -18.83 -20.67
C ASN A 631 10.63 -18.71 -19.22
N LEU A 632 10.99 -19.85 -18.64
CA LEU A 632 11.46 -19.92 -17.27
C LEU A 632 12.62 -18.97 -17.12
N ASP A 633 13.45 -18.84 -18.12
CA ASP A 633 14.66 -18.05 -17.93
C ASP A 633 14.29 -16.62 -17.69
N MET A 634 13.05 -16.26 -17.90
CA MET A 634 12.64 -14.84 -17.66
C MET A 634 12.13 -14.66 -16.25
N TYR A 635 12.09 -15.75 -15.48
CA TYR A 635 11.59 -15.66 -14.13
C TYR A 635 12.67 -15.94 -13.08
N GLN A 636 13.65 -15.06 -13.08
CA GLN A 636 14.70 -15.18 -12.09
C GLN A 636 14.07 -14.61 -10.83
N ASP A 637 14.23 -15.30 -9.71
CA ASP A 637 13.60 -14.85 -8.53
C ASP A 637 14.30 -13.66 -7.92
N ALA A 638 13.59 -12.97 -7.01
CA ALA A 638 14.10 -11.76 -6.31
C ALA A 638 15.56 -11.87 -5.68
N TYR A 639 15.88 -13.08 -5.28
CA TYR A 639 17.16 -13.29 -4.70
C TYR A 639 18.17 -13.20 -5.82
N ASP A 640 17.99 -14.03 -6.83
CA ASP A 640 18.85 -14.03 -8.00
C ASP A 640 18.96 -12.64 -8.62
N ILE A 641 17.91 -11.87 -8.67
CA ILE A 641 18.07 -10.59 -9.34
C ILE A 641 18.96 -9.69 -8.50
N GLY A 642 18.72 -9.72 -7.20
CA GLY A 642 19.33 -8.84 -6.24
C GLY A 642 18.91 -7.39 -6.14
N PRO A 643 19.33 -6.80 -5.02
CA PRO A 643 18.94 -5.47 -4.59
C PRO A 643 19.14 -4.38 -5.57
N GLU A 644 20.31 -4.32 -6.21
CA GLU A 644 20.51 -3.22 -7.16
C GLU A 644 19.33 -3.11 -8.17
N LYS A 645 19.08 -4.19 -8.89
CA LYS A 645 18.09 -4.19 -9.95
C LYS A 645 16.75 -3.80 -9.35
N ILE A 646 16.46 -4.33 -8.19
CA ILE A 646 15.21 -3.98 -7.59
C ILE A 646 15.20 -2.48 -7.26
N ILE A 647 16.21 -2.00 -6.55
CA ILE A 647 16.24 -0.59 -6.17
C ILE A 647 16.07 0.30 -7.39
N ASP A 648 16.74 -0.09 -8.47
CA ASP A 648 16.74 0.67 -9.71
C ASP A 648 15.36 0.78 -10.27
N THR A 649 14.68 -0.36 -10.37
CA THR A 649 13.30 -0.36 -10.82
C THR A 649 12.53 0.61 -9.95
N TYR A 650 12.53 0.42 -8.63
CA TYR A 650 11.77 1.33 -7.77
C TYR A 650 12.17 2.79 -7.96
N ALA A 651 13.40 3.02 -8.31
CA ALA A 651 13.78 4.40 -8.49
C ALA A 651 13.06 5.08 -9.59
N GLU A 652 12.94 4.39 -10.71
CA GLU A 652 12.21 4.91 -11.85
C GLU A 652 10.77 5.23 -11.41
N ALA A 653 10.09 4.32 -10.71
CA ALA A 653 8.73 4.62 -10.32
C ALA A 653 8.60 5.75 -9.28
N THR A 654 9.60 5.89 -8.42
CA THR A 654 9.56 6.86 -7.35
C THR A 654 9.59 8.27 -7.84
N ARG A 655 9.91 8.44 -9.10
CA ARG A 655 10.03 9.81 -9.61
C ARG A 655 8.64 10.41 -9.86
N HIS A 656 7.63 9.53 -9.93
CA HIS A 656 6.26 9.92 -10.27
C HIS A 656 5.26 9.69 -9.15
N VAL A 657 5.38 8.56 -8.45
CA VAL A 657 4.48 8.24 -7.36
C VAL A 657 4.54 9.31 -6.32
N ASP A 658 3.48 10.07 -6.14
CA ASP A 658 3.51 11.14 -5.18
C ASP A 658 3.61 10.71 -3.67
N GLN A 659 3.25 9.48 -3.34
CA GLN A 659 3.41 9.00 -1.96
C GLN A 659 4.62 8.09 -2.04
N GLY A 660 4.49 6.81 -1.64
CA GLY A 660 5.58 5.86 -1.60
C GLY A 660 5.37 4.43 -2.08
N LEU A 661 6.40 3.58 -1.96
CA LEU A 661 6.36 2.19 -2.44
C LEU A 661 7.04 1.19 -1.48
N SER A 662 6.34 0.17 -1.05
CA SER A 662 6.96 -0.74 -0.16
C SER A 662 8.09 -1.48 -0.84
N LEU A 663 9.33 -1.25 -0.38
CA LEU A 663 10.50 -1.82 -1.02
C LEU A 663 11.21 -2.82 -0.16
N THR A 664 11.17 -4.09 -0.49
CA THR A 664 11.83 -5.11 0.25
C THR A 664 13.05 -5.60 -0.52
N LEU A 665 14.16 -5.89 0.19
CA LEU A 665 15.36 -6.36 -0.45
C LEU A 665 15.55 -7.77 0.02
N PHE A 666 15.82 -8.67 -0.90
CA PHE A 666 15.98 -10.04 -0.57
C PHE A 666 17.45 -10.39 -0.70
N PHE A 667 18.02 -10.98 0.36
CA PHE A 667 19.43 -11.31 0.47
C PHE A 667 19.65 -12.77 0.70
N PRO A 668 20.80 -13.26 0.26
CA PRO A 668 21.22 -14.63 0.56
C PRO A 668 21.51 -14.74 2.02
N ASP A 669 21.51 -15.92 2.62
CA ASP A 669 21.73 -15.96 4.07
C ASP A 669 23.21 -15.80 4.49
N THR A 670 24.04 -15.32 3.57
CA THR A 670 25.43 -15.11 3.83
C THR A 670 25.71 -13.65 3.71
N ALA A 671 24.66 -12.86 3.54
CA ALA A 671 24.86 -11.44 3.39
C ALA A 671 25.26 -10.97 4.76
N THR A 672 25.94 -9.81 4.79
CA THR A 672 26.43 -9.18 6.02
C THR A 672 25.78 -7.81 6.20
N THR A 673 25.88 -7.28 7.42
CA THR A 673 25.29 -6.02 7.74
C THR A 673 25.90 -4.96 6.83
N ARG A 674 27.15 -5.14 6.47
CA ARG A 674 27.77 -4.20 5.53
C ARG A 674 27.07 -4.27 4.19
N ASP A 675 26.63 -5.47 3.83
CA ASP A 675 25.95 -5.65 2.55
C ASP A 675 24.63 -4.88 2.62
N ILE A 676 23.89 -5.09 3.69
CA ILE A 676 22.63 -4.45 3.93
C ILE A 676 22.82 -2.96 3.89
N ASN A 677 23.82 -2.49 4.61
CA ASN A 677 24.05 -1.08 4.68
C ASN A 677 24.39 -0.51 3.30
N LYS A 678 25.21 -1.23 2.54
CA LYS A 678 25.59 -0.73 1.23
C LYS A 678 24.36 -0.61 0.35
N ALA A 679 23.44 -1.56 0.46
CA ALA A 679 22.17 -1.46 -0.27
C ALA A 679 21.38 -0.22 0.12
N GLN A 680 21.25 -0.02 1.42
CA GLN A 680 20.52 1.13 1.90
C GLN A 680 21.21 2.37 1.46
N ILE A 681 22.55 2.36 1.38
CA ILE A 681 23.20 3.59 0.95
C ILE A 681 22.84 3.87 -0.49
N TYR A 682 22.74 2.81 -1.26
CA TYR A 682 22.48 2.94 -2.67
C TYR A 682 21.03 3.37 -2.89
N ALA A 683 20.12 2.75 -2.16
CA ALA A 683 18.74 3.17 -2.21
C ALA A 683 18.67 4.65 -1.94
N TRP A 684 19.31 5.08 -0.88
CA TRP A 684 19.27 6.50 -0.50
C TRP A 684 19.79 7.40 -1.61
N ARG A 685 21.00 7.13 -2.06
CA ARG A 685 21.58 7.96 -3.13
C ARG A 685 20.70 7.95 -4.33
N LYS A 686 20.02 6.83 -4.57
CA LYS A 686 19.15 6.70 -5.75
C LYS A 686 17.75 7.36 -5.73
N GLY A 687 17.29 7.94 -4.63
CA GLY A 687 16.00 8.63 -4.65
C GLY A 687 14.86 7.88 -3.93
N ILE A 688 15.09 6.60 -3.63
CA ILE A 688 14.12 5.85 -2.91
C ILE A 688 13.65 6.61 -1.69
N LYS A 689 12.32 6.71 -1.58
CA LYS A 689 11.66 7.34 -0.48
C LYS A 689 11.59 6.48 0.72
N SER A 690 11.57 5.15 0.60
CA SER A 690 11.43 4.36 1.81
C SER A 690 11.78 2.96 1.58
N LEU A 691 12.06 2.25 2.65
CA LEU A 691 12.43 0.85 2.58
C LEU A 691 11.65 0.10 3.61
N TYR A 692 11.12 -1.02 3.16
CA TYR A 692 10.23 -1.88 3.90
C TYR A 692 11.13 -2.81 4.63
N TYR A 693 10.94 -4.12 4.59
CA TYR A 693 11.83 -4.93 5.38
C TYR A 693 12.92 -5.60 4.59
N ILE A 694 14.05 -5.87 5.23
CA ILE A 694 15.09 -6.59 4.52
C ILE A 694 14.88 -8.05 4.84
N ARG A 695 14.76 -8.89 3.83
CA ARG A 695 14.46 -10.28 4.05
C ARG A 695 15.60 -11.19 3.62
N LEU A 696 15.89 -12.19 4.44
CA LEU A 696 16.96 -13.14 4.17
C LEU A 696 16.36 -14.47 3.81
N ARG A 697 16.91 -15.16 2.82
CA ARG A 697 16.37 -16.44 2.40
C ARG A 697 16.30 -17.45 3.57
N GLN A 698 15.11 -17.92 3.88
CA GLN A 698 14.94 -18.87 4.98
C GLN A 698 13.61 -19.61 4.83
N LEU A 699 13.64 -20.90 4.50
CA LEU A 699 12.39 -21.66 4.36
C LEU A 699 12.52 -23.08 4.91
#